data_3P26
#
_entry.id   3P26
#
_cell.length_a   110.631
_cell.length_b   110.631
_cell.length_c   188.115
_cell.angle_alpha   90.00
_cell.angle_beta   90.00
_cell.angle_gamma   90.00
#
_symmetry.space_group_name_H-M   'P 42 21 2'
#
loop_
_entity.id
_entity.type
_entity.pdbx_description
1 polymer 'Elongation factor 1 alpha-like protein'
2 water water
#
_entity_poly.entity_id   1
_entity_poly.type   'polypeptide(L)'
_entity_poly.pdbx_seq_one_letter_code
;DEKTVQRYYKTTVPTKPKKPHDISAFVKSALPHLSFVVLGHVDAGKSTLMGRLLYDLNIVNQSQLRKLQRESETMGKSSF
KFAWIMDQTNEERERGVTVSICTSHFSTHRANFTIVDAPGHRDFVPNAIMGISQADMAILCVDCSTNAFESGFDLDGQTK
EHMLLASSLGIHNLIIAMNKMDNVDWSQQRFEEIKSKLLPYLVDIGFFEDNINWVPISGFSGEGVYKIEYTDEVRQWYNG
PNLMSTLENAAFKISKENEGINKDDPFLFSVLEIIPSKKTSNDLALVSGKLESGSIQPGESLTIYPSEQSCIVDKIQVGS
QQGQSTNHEETDVAIKGDFVTLKLRKAYPEDIQNGDLAASVDYSSIHSAQCFVLELTTFDMNRPLLPGTPFILFIGVKEQ
PARIKRLISFIDKGNTASKKKIRHLGSKQRAFVEIELIEVKRWIPLLTAHENDRLGRVVLRKDGRTIAAGKISEITQHHH
HHH
;
_entity_poly.pdbx_strand_id   A,B
#
# COMPACT_ATOMS: atom_id res chain seq x y z
N VAL A 5 -32.57 -19.28 3.57
CA VAL A 5 -31.76 -19.89 4.63
C VAL A 5 -30.50 -20.58 4.07
N GLN A 6 -30.56 -21.91 3.94
CA GLN A 6 -29.39 -22.66 3.45
C GLN A 6 -28.71 -21.93 2.31
N ARG A 7 -29.48 -21.55 1.29
CA ARG A 7 -28.98 -20.73 0.21
C ARG A 7 -30.03 -19.70 -0.19
N TYR A 8 -29.57 -18.53 -0.61
CA TYR A 8 -30.47 -17.61 -1.29
C TYR A 8 -30.25 -17.71 -2.79
N TYR A 9 -31.18 -17.17 -3.56
CA TYR A 9 -30.99 -17.07 -4.99
C TYR A 9 -29.86 -16.10 -5.30
N LYS A 10 -29.02 -16.45 -6.26
CA LYS A 10 -27.87 -15.64 -6.58
C LYS A 10 -27.44 -15.81 -8.03
N THR A 11 -27.29 -14.69 -8.72
CA THR A 11 -26.80 -14.71 -10.08
C THR A 11 -25.58 -13.82 -10.24
N THR A 12 -24.81 -14.06 -11.29
CA THR A 12 -23.72 -13.17 -11.65
C THR A 12 -24.00 -12.59 -13.02
N VAL A 13 -25.26 -12.71 -13.45
CA VAL A 13 -25.67 -12.18 -14.75
C VAL A 13 -26.55 -10.94 -14.60
N PRO A 14 -26.07 -9.80 -15.12
CA PRO A 14 -26.79 -8.54 -14.92
C PRO A 14 -28.13 -8.54 -15.63
N THR A 15 -29.14 -7.92 -15.03
CA THR A 15 -30.43 -7.79 -15.70
C THR A 15 -30.63 -6.35 -16.20
N LYS A 16 -31.17 -6.22 -17.41
CA LYS A 16 -31.37 -4.93 -18.06
C LYS A 16 -32.24 -3.97 -17.26
N PRO A 17 -32.04 -2.67 -17.47
CA PRO A 17 -33.01 -1.71 -16.95
C PRO A 17 -34.32 -1.82 -17.72
N LYS A 18 -35.43 -1.41 -17.11
CA LYS A 18 -36.70 -1.39 -17.81
C LYS A 18 -36.65 -0.30 -18.87
N LYS A 19 -35.92 0.77 -18.59
CA LYS A 19 -35.87 1.92 -19.48
C LYS A 19 -34.46 2.43 -19.58
N PRO A 20 -33.59 1.73 -20.33
CA PRO A 20 -32.18 2.13 -20.29
C PRO A 20 -32.04 3.63 -20.47
N HIS A 21 -31.27 4.27 -19.60
CA HIS A 21 -30.95 5.68 -19.72
C HIS A 21 -29.48 5.82 -20.08
N ASP A 22 -29.12 6.91 -20.74
CA ASP A 22 -27.73 7.25 -20.93
C ASP A 22 -27.27 7.95 -19.67
N ILE A 23 -26.48 7.24 -18.86
CA ILE A 23 -26.12 7.72 -17.54
C ILE A 23 -25.32 9.02 -17.56
N SER A 24 -24.32 9.09 -18.43
CA SER A 24 -23.57 10.34 -18.57
C SER A 24 -24.54 11.49 -18.76
N ALA A 25 -25.41 11.37 -19.76
CA ALA A 25 -26.41 12.38 -20.05
C ALA A 25 -27.20 12.68 -18.78
N PHE A 26 -27.69 11.64 -18.13
CA PHE A 26 -28.52 11.85 -16.96
C PHE A 26 -27.77 12.64 -15.90
N VAL A 27 -26.51 12.30 -15.67
CA VAL A 27 -25.70 13.05 -14.71
C VAL A 27 -25.63 14.52 -15.11
N LYS A 28 -25.16 14.78 -16.33
CA LYS A 28 -25.00 16.15 -16.81
C LYS A 28 -26.28 16.95 -16.66
N SER A 29 -27.41 16.27 -16.80
CA SER A 29 -28.69 16.93 -16.73
C SER A 29 -29.11 17.26 -15.31
N ALA A 30 -28.52 16.57 -14.33
CA ALA A 30 -29.01 16.64 -12.94
C ALA A 30 -28.25 17.61 -12.04
N LEU A 31 -28.96 18.14 -11.06
CA LEU A 31 -28.36 18.96 -10.03
C LEU A 31 -27.26 18.18 -9.33
N PRO A 32 -26.16 18.88 -8.99
CA PRO A 32 -25.09 18.29 -8.18
C PRO A 32 -25.63 17.95 -6.80
N HIS A 33 -25.00 17.00 -6.12
CA HIS A 33 -25.43 16.65 -4.78
C HIS A 33 -24.25 16.58 -3.84
N LEU A 34 -24.48 16.90 -2.58
CA LEU A 34 -23.41 16.86 -1.60
C LEU A 34 -23.99 16.47 -0.26
N SER A 35 -23.35 15.54 0.43
CA SER A 35 -23.72 15.30 1.81
C SER A 35 -22.60 15.77 2.73
N PHE A 36 -22.94 16.16 3.94
CA PHE A 36 -21.91 16.64 4.85
C PHE A 36 -22.33 16.47 6.29
N VAL A 37 -21.35 16.54 7.18
CA VAL A 37 -21.63 16.48 8.59
C VAL A 37 -21.14 17.80 9.22
N VAL A 38 -21.74 18.17 10.33
CA VAL A 38 -21.28 19.39 11.00
C VAL A 38 -20.56 19.03 12.31
N LEU A 39 -19.32 19.48 12.43
CA LEU A 39 -18.47 19.15 13.56
C LEU A 39 -18.12 20.39 14.38
N GLY A 40 -17.74 20.18 15.64
CA GLY A 40 -17.33 21.28 16.50
C GLY A 40 -17.89 21.25 17.92
N HIS A 41 -17.27 22.03 18.80
CA HIS A 41 -17.70 22.15 20.18
C HIS A 41 -19.12 22.71 20.27
N VAL A 42 -19.82 22.40 21.35
CA VAL A 42 -21.17 22.93 21.54
C VAL A 42 -21.19 24.45 21.70
N ASP A 43 -20.12 24.99 22.27
CA ASP A 43 -19.98 26.44 22.41
C ASP A 43 -19.58 27.08 21.08
N ALA A 44 -19.40 26.25 20.06
CA ALA A 44 -18.90 26.72 18.77
C ALA A 44 -20.00 27.33 17.91
N GLY A 45 -21.25 27.05 18.26
CA GLY A 45 -22.38 27.64 17.54
C GLY A 45 -22.93 26.76 16.43
N LYS A 46 -22.54 25.49 16.40
CA LYS A 46 -23.05 24.55 15.41
C LYS A 46 -24.55 24.70 15.25
N SER A 47 -25.26 24.64 16.37
CA SER A 47 -26.71 24.58 16.32
C SER A 47 -27.29 25.91 15.83
N THR A 48 -26.69 27.03 16.23
CA THR A 48 -27.21 28.32 15.81
C THR A 48 -26.88 28.53 14.34
N LEU A 49 -25.72 28.07 13.93
CA LEU A 49 -25.34 28.11 12.53
C LEU A 49 -26.33 27.27 11.71
N MET A 50 -26.63 26.08 12.20
CA MET A 50 -27.58 25.20 11.54
C MET A 50 -28.98 25.81 11.48
N GLY A 51 -29.40 26.43 12.59
CA GLY A 51 -30.65 27.15 12.60
C GLY A 51 -30.67 28.18 11.50
N ARG A 52 -29.69 29.09 11.53
CA ARG A 52 -29.59 30.15 10.54
C ARG A 52 -29.74 29.64 9.11
N LEU A 53 -29.00 28.57 8.81
CA LEU A 53 -29.04 27.98 7.47
C LEU A 53 -30.42 27.49 7.12
N LEU A 54 -31.03 26.73 8.01
CA LEU A 54 -32.37 26.18 7.74
C LEU A 54 -33.40 27.31 7.71
N TYR A 55 -33.17 28.33 8.53
CA TYR A 55 -33.99 29.52 8.53
C TYR A 55 -33.95 30.22 7.17
N ASP A 56 -32.75 30.48 6.65
CA ASP A 56 -32.63 31.12 5.35
C ASP A 56 -33.22 30.23 4.27
N LEU A 57 -33.34 28.95 4.57
CA LEU A 57 -33.91 28.00 3.63
C LEU A 57 -35.42 27.98 3.77
N ASN A 58 -35.94 28.78 4.70
CA ASN A 58 -37.37 28.83 4.95
C ASN A 58 -37.93 27.45 5.35
N ILE A 59 -37.08 26.64 5.97
CA ILE A 59 -37.46 25.33 6.45
C ILE A 59 -37.79 25.47 7.92
N VAL A 60 -37.14 26.45 8.54
CA VAL A 60 -37.35 26.76 9.95
C VAL A 60 -38.02 28.12 10.18
N ASN A 61 -39.02 28.11 11.04
CA ASN A 61 -39.76 29.29 11.48
C ASN A 61 -38.89 30.42 11.96
N GLN A 62 -39.48 31.61 12.13
CA GLN A 62 -38.78 32.67 12.83
C GLN A 62 -38.85 32.44 14.33
N SER A 63 -39.95 31.86 14.80
CA SER A 63 -40.09 31.59 16.22
C SER A 63 -39.16 30.45 16.60
N GLN A 64 -39.21 29.37 15.82
CA GLN A 64 -38.30 28.24 15.98
C GLN A 64 -36.86 28.71 16.13
N LEU A 65 -36.45 29.65 15.29
CA LEU A 65 -35.09 30.16 15.31
C LEU A 65 -34.80 30.85 16.64
N ARG A 66 -35.78 31.62 17.13
CA ARG A 66 -35.58 32.40 18.34
C ARG A 66 -35.46 31.54 19.59
N LYS A 67 -36.27 30.48 19.66
CA LYS A 67 -36.16 29.55 20.77
C LYS A 67 -34.75 28.93 20.78
N LEU A 68 -34.26 28.60 19.59
CA LEU A 68 -32.93 28.02 19.46
C LEU A 68 -31.83 29.00 19.86
N GLN A 69 -32.14 30.29 19.88
CA GLN A 69 -31.14 31.29 20.25
C GLN A 69 -31.03 31.44 21.76
N ARG A 70 -30.80 30.30 22.43
CA ARG A 70 -30.58 30.24 23.87
C ARG A 70 -29.10 30.01 24.16
N ARG A 95 -39.67 5.55 10.89
CA ARG A 95 -38.64 4.78 11.57
C ARG A 95 -38.44 3.40 10.94
N GLY A 96 -37.21 3.10 10.54
CA GLY A 96 -36.89 1.80 9.99
C GLY A 96 -36.90 0.74 11.08
N VAL A 97 -36.26 -0.41 10.82
CA VAL A 97 -36.18 -1.44 11.84
C VAL A 97 -35.30 -0.96 13.00
N THR A 98 -34.05 -0.63 12.68
CA THR A 98 -33.16 0.06 13.61
C THR A 98 -32.56 1.23 12.84
N VAL A 99 -32.13 2.26 13.57
CA VAL A 99 -31.63 3.47 12.93
C VAL A 99 -30.13 3.62 13.16
N SER A 100 -29.39 3.77 12.07
CA SER A 100 -27.95 3.95 12.16
C SER A 100 -27.58 5.42 12.14
N ILE A 101 -28.00 6.11 11.08
CA ILE A 101 -27.74 7.54 11.00
C ILE A 101 -29.02 8.34 10.73
N CYS A 102 -28.98 9.64 11.05
CA CYS A 102 -30.07 10.54 10.74
C CYS A 102 -29.65 11.44 9.62
N THR A 103 -30.54 11.67 8.67
CA THR A 103 -30.26 12.56 7.57
C THR A 103 -31.34 13.64 7.41
N SER A 104 -31.02 14.69 6.68
CA SER A 104 -31.97 15.75 6.34
C SER A 104 -31.66 16.27 4.95
N HIS A 105 -32.66 16.27 4.09
CA HIS A 105 -32.46 16.65 2.70
C HIS A 105 -33.04 18.02 2.42
N PHE A 106 -32.17 18.97 2.12
CA PHE A 106 -32.63 20.25 1.66
C PHE A 106 -32.03 20.59 0.31
N SER A 107 -32.51 21.66 -0.28
CA SER A 107 -32.09 22.02 -1.61
C SER A 107 -32.09 23.53 -1.79
N THR A 108 -31.32 23.98 -2.76
CA THR A 108 -31.33 25.38 -3.15
C THR A 108 -31.50 25.41 -4.65
N HIS A 109 -31.44 26.62 -5.19
CA HIS A 109 -31.47 26.82 -6.62
C HIS A 109 -30.47 25.90 -7.34
N ARG A 110 -29.24 25.86 -6.85
CA ARG A 110 -28.15 25.27 -7.61
C ARG A 110 -27.80 23.81 -7.29
N ALA A 111 -28.24 23.31 -6.15
CA ALA A 111 -27.77 21.99 -5.69
C ALA A 111 -28.66 21.33 -4.64
N ASN A 112 -28.54 20.01 -4.55
CA ASN A 112 -29.17 19.24 -3.48
C ASN A 112 -28.19 18.91 -2.38
N PHE A 113 -28.69 18.87 -1.15
CA PHE A 113 -27.84 18.67 0.00
C PHE A 113 -28.41 17.64 0.96
N THR A 114 -27.52 16.99 1.69
CA THR A 114 -27.93 16.05 2.69
C THR A 114 -27.07 16.26 3.92
N ILE A 115 -27.72 16.59 5.02
CA ILE A 115 -27.03 16.74 6.29
C ILE A 115 -27.09 15.41 7.03
N VAL A 116 -25.93 14.88 7.40
CA VAL A 116 -25.90 13.67 8.22
C VAL A 116 -25.46 14.04 9.62
N ASP A 117 -26.13 13.47 10.62
CA ASP A 117 -25.86 13.87 12.00
C ASP A 117 -24.66 13.17 12.65
N ALA A 118 -23.79 13.97 13.27
CA ALA A 118 -22.69 13.41 14.05
C ALA A 118 -22.65 14.04 15.44
N PRO A 119 -23.36 13.41 16.39
CA PRO A 119 -23.47 13.88 17.78
C PRO A 119 -22.09 14.05 18.41
N GLY A 120 -21.80 15.25 18.91
CA GLY A 120 -20.46 15.58 19.37
C GLY A 120 -20.13 15.26 20.82
N HIS A 121 -21.02 14.53 21.49
CA HIS A 121 -20.80 14.22 22.90
C HIS A 121 -19.80 13.09 23.13
N ARG A 122 -19.04 13.21 24.21
CA ARG A 122 -18.00 12.26 24.57
C ARG A 122 -18.52 10.83 24.63
N ASP A 123 -19.78 10.68 25.02
CA ASP A 123 -20.39 9.37 25.20
C ASP A 123 -20.95 8.80 23.90
N PHE A 124 -20.94 9.62 22.85
CA PHE A 124 -21.57 9.26 21.59
C PHE A 124 -20.59 9.11 20.44
N VAL A 125 -19.31 8.91 20.72
CA VAL A 125 -18.29 8.85 19.66
C VAL A 125 -18.57 7.81 18.59
N PRO A 126 -18.92 6.59 18.99
CA PRO A 126 -19.33 5.60 18.00
C PRO A 126 -20.37 6.18 17.05
N ASN A 127 -21.39 6.83 17.60
CA ASN A 127 -22.42 7.45 16.78
C ASN A 127 -21.86 8.50 15.83
N ALA A 128 -20.95 9.33 16.31
CA ALA A 128 -20.28 10.28 15.43
C ALA A 128 -19.55 9.54 14.31
N ILE A 129 -18.89 8.44 14.66
CA ILE A 129 -18.20 7.62 13.69
C ILE A 129 -19.15 7.18 12.57
N MET A 130 -20.33 6.69 12.96
CA MET A 130 -21.34 6.27 12.00
C MET A 130 -21.64 7.38 11.00
N GLY A 131 -21.91 8.57 11.52
CA GLY A 131 -22.36 9.67 10.69
C GLY A 131 -21.27 10.19 9.77
N ILE A 132 -20.09 10.39 10.33
CA ILE A 132 -18.95 10.85 9.54
C ILE A 132 -18.68 9.89 8.39
N SER A 133 -18.84 8.59 8.66
CA SER A 133 -18.50 7.57 7.68
C SER A 133 -19.30 7.68 6.38
N GLN A 134 -20.44 8.36 6.45
CA GLN A 134 -21.32 8.43 5.29
C GLN A 134 -21.36 9.80 4.64
N ALA A 135 -20.58 10.75 5.18
CA ALA A 135 -20.57 12.12 4.66
C ALA A 135 -19.43 12.36 3.68
N ASP A 136 -19.77 12.98 2.55
CA ASP A 136 -18.77 13.39 1.55
C ASP A 136 -17.67 14.29 2.14
N MET A 137 -18.09 15.24 2.97
CA MET A 137 -17.17 16.19 3.56
C MET A 137 -17.69 16.77 4.87
N ALA A 138 -16.86 17.57 5.53
CA ALA A 138 -17.23 18.09 6.84
C ALA A 138 -17.10 19.61 6.92
N ILE A 139 -17.98 20.20 7.73
CA ILE A 139 -17.87 21.58 8.11
C ILE A 139 -17.35 21.58 9.55
N LEU A 140 -16.30 22.34 9.80
CA LEU A 140 -15.84 22.46 11.18
C LEU A 140 -16.19 23.84 11.70
N CYS A 141 -17.09 23.86 12.67
CA CYS A 141 -17.53 25.09 13.29
C CYS A 141 -16.56 25.43 14.42
N VAL A 142 -16.01 26.63 14.37
CA VAL A 142 -15.06 27.10 15.37
C VAL A 142 -15.47 28.44 15.95
N ASP A 143 -15.46 28.55 17.27
CA ASP A 143 -15.70 29.81 17.94
C ASP A 143 -14.48 30.73 17.83
N CYS A 144 -14.68 31.95 17.39
CA CYS A 144 -13.58 32.89 17.17
C CYS A 144 -13.41 33.90 18.30
N SER A 145 -14.45 34.07 19.10
CA SER A 145 -14.42 35.06 20.17
C SER A 145 -13.28 34.80 21.14
N THR A 146 -12.81 35.86 21.80
CA THR A 146 -11.70 35.74 22.75
C THR A 146 -12.07 34.84 23.92
N PHE A 153 -5.05 30.24 20.03
CA PHE A 153 -6.27 29.48 19.80
C PHE A 153 -6.06 27.98 19.97
N ASP A 154 -6.89 27.34 20.79
CA ASP A 154 -6.73 25.92 21.02
C ASP A 154 -8.03 25.14 20.87
N LEU A 155 -8.06 24.28 19.86
CA LEU A 155 -9.20 23.41 19.61
C LEU A 155 -9.24 22.37 20.72
N ASP A 156 -10.42 22.09 21.25
CA ASP A 156 -10.55 21.14 22.34
C ASP A 156 -10.40 19.68 21.90
N GLY A 157 -10.26 18.79 22.89
CA GLY A 157 -10.06 17.38 22.65
C GLY A 157 -11.14 16.72 21.79
N GLN A 158 -12.38 16.73 22.27
CA GLN A 158 -13.50 16.11 21.55
C GLN A 158 -13.50 16.50 20.08
N THR A 159 -13.13 17.75 19.81
CA THR A 159 -13.16 18.23 18.45
C THR A 159 -11.95 17.74 17.65
N LYS A 160 -10.78 17.79 18.28
CA LYS A 160 -9.59 17.22 17.65
C LYS A 160 -9.84 15.75 17.38
N GLU A 161 -10.56 15.12 18.30
CA GLU A 161 -11.03 13.76 18.11
C GLU A 161 -11.75 13.64 16.77
N HIS A 162 -12.86 14.37 16.64
CA HIS A 162 -13.72 14.26 15.46
C HIS A 162 -12.98 14.56 14.16
N MET A 163 -12.10 15.56 14.16
CA MET A 163 -11.30 15.84 12.98
C MET A 163 -10.38 14.68 12.62
N LEU A 164 -9.86 14.00 13.65
CA LEU A 164 -8.96 12.88 13.46
C LEU A 164 -9.73 11.74 12.83
N LEU A 165 -10.93 11.51 13.35
CA LEU A 165 -11.84 10.53 12.78
C LEU A 165 -12.17 10.85 11.33
N ALA A 166 -12.56 12.09 11.08
CA ALA A 166 -12.90 12.51 9.72
C ALA A 166 -11.86 12.10 8.67
N SER A 167 -10.62 12.53 8.81
CA SER A 167 -9.60 12.13 7.84
C SER A 167 -9.35 10.61 7.82
N SER A 168 -9.37 9.98 8.99
CA SER A 168 -9.19 8.53 9.08
C SER A 168 -10.24 7.80 8.23
N LEU A 169 -11.48 8.29 8.25
CA LEU A 169 -12.54 7.62 7.51
C LEU A 169 -12.68 8.12 6.08
N GLY A 170 -11.71 8.88 5.60
CA GLY A 170 -11.67 9.22 4.20
C GLY A 170 -12.20 10.58 3.79
N ILE A 171 -12.57 11.42 4.76
CA ILE A 171 -12.98 12.76 4.40
C ILE A 171 -11.76 13.59 4.02
N HIS A 172 -11.74 14.11 2.80
CA HIS A 172 -10.60 14.90 2.33
C HIS A 172 -10.92 16.39 2.30
N ASN A 173 -12.19 16.73 2.17
CA ASN A 173 -12.60 18.13 2.07
C ASN A 173 -13.19 18.69 3.35
N LEU A 174 -12.74 19.89 3.70
CA LEU A 174 -13.30 20.56 4.84
C LEU A 174 -13.73 21.96 4.45
N ILE A 175 -14.75 22.44 5.13
CA ILE A 175 -15.06 23.85 5.13
C ILE A 175 -14.96 24.27 6.57
N ILE A 176 -14.11 25.25 6.86
CA ILE A 176 -14.00 25.78 8.22
C ILE A 176 -14.94 26.97 8.39
N ALA A 177 -15.96 26.80 9.22
CA ALA A 177 -16.84 27.92 9.56
C ALA A 177 -16.28 28.67 10.76
N MET A 178 -15.66 29.81 10.48
CA MET A 178 -15.09 30.68 11.52
C MET A 178 -16.21 31.49 12.14
N ASN A 179 -16.77 30.98 13.23
CA ASN A 179 -18.04 31.49 13.73
C ASN A 179 -17.98 32.56 14.82
N LYS A 180 -19.13 33.21 15.02
CA LYS A 180 -19.25 34.35 15.94
C LYS A 180 -18.10 35.34 15.82
N MET A 181 -17.86 35.79 14.60
CA MET A 181 -16.89 36.83 14.32
C MET A 181 -17.33 38.14 14.97
N ASP A 182 -18.62 38.31 15.16
CA ASP A 182 -19.16 39.50 15.82
C ASP A 182 -18.46 39.78 17.15
N ASN A 183 -18.19 38.73 17.90
CA ASN A 183 -17.54 38.86 19.20
C ASN A 183 -16.06 39.20 19.09
N VAL A 184 -15.64 39.47 17.86
CA VAL A 184 -14.30 39.99 17.60
C VAL A 184 -14.45 41.05 16.50
N ASP A 185 -15.67 41.55 16.38
CA ASP A 185 -16.00 42.64 15.46
C ASP A 185 -15.43 42.38 14.08
N TRP A 186 -15.46 41.12 13.66
CA TRP A 186 -14.93 40.73 12.37
C TRP A 186 -13.45 41.10 12.20
N SER A 187 -12.65 40.86 13.23
CA SER A 187 -11.22 41.12 13.14
C SER A 187 -10.51 40.14 12.21
N GLN A 188 -10.00 40.64 11.09
CA GLN A 188 -9.20 39.82 10.19
C GLN A 188 -7.97 39.29 10.91
N GLN A 189 -7.42 40.11 11.81
CA GLN A 189 -6.26 39.70 12.60
C GLN A 189 -6.56 38.39 13.31
N ARG A 190 -7.66 38.36 14.06
CA ARG A 190 -8.06 37.17 14.81
C ARG A 190 -8.30 35.98 13.89
N PHE A 191 -9.12 36.21 12.86
CA PHE A 191 -9.33 35.24 11.79
C PHE A 191 -8.00 34.70 11.33
N GLU A 192 -7.15 35.58 10.85
CA GLU A 192 -5.89 35.17 10.25
C GLU A 192 -4.99 34.47 11.26
N GLU A 193 -5.18 34.76 12.53
CA GLU A 193 -4.35 34.17 13.57
C GLU A 193 -4.82 32.77 13.91
N ILE A 194 -6.14 32.62 14.01
CA ILE A 194 -6.73 31.32 14.29
C ILE A 194 -6.37 30.36 13.17
N LYS A 195 -6.52 30.82 11.93
CA LYS A 195 -6.20 29.98 10.79
C LYS A 195 -4.78 29.46 10.83
N SER A 196 -3.85 30.33 11.24
CA SER A 196 -2.42 29.98 11.24
C SER A 196 -2.08 28.95 12.30
N LYS A 197 -2.97 28.79 13.27
CA LYS A 197 -2.77 27.79 14.29
C LYS A 197 -3.49 26.50 13.88
N LEU A 198 -4.70 26.63 13.35
CA LEU A 198 -5.52 25.48 12.98
C LEU A 198 -4.99 24.76 11.74
N LEU A 199 -4.72 25.54 10.70
CA LEU A 199 -4.24 25.00 9.44
C LEU A 199 -3.11 23.96 9.56
N PRO A 200 -2.00 24.32 10.22
CA PRO A 200 -0.88 23.36 10.32
C PRO A 200 -1.30 22.10 11.08
N TYR A 201 -2.27 22.23 11.97
CA TYR A 201 -2.77 21.08 12.72
C TYR A 201 -3.55 20.12 11.81
N LEU A 202 -4.56 20.65 11.14
CA LEU A 202 -5.33 19.86 10.18
C LEU A 202 -4.42 19.15 9.19
N VAL A 203 -3.32 19.81 8.83
CA VAL A 203 -2.36 19.27 7.88
C VAL A 203 -1.52 18.14 8.50
N ASP A 204 -1.11 18.30 9.75
CA ASP A 204 -0.38 17.27 10.46
C ASP A 204 -1.23 16.03 10.51
N ILE A 205 -2.53 16.26 10.50
CA ILE A 205 -3.51 15.20 10.72
C ILE A 205 -3.86 14.44 9.45
N GLY A 206 -3.54 15.00 8.29
CA GLY A 206 -3.74 14.28 7.04
C GLY A 206 -4.45 15.05 5.96
N PHE A 207 -4.98 16.22 6.29
CA PHE A 207 -5.66 17.06 5.31
C PHE A 207 -4.65 17.85 4.49
N PHE A 208 -5.10 18.36 3.35
CA PHE A 208 -4.26 19.20 2.50
C PHE A 208 -4.82 20.61 2.38
N GLU A 209 -3.93 21.58 2.49
CA GLU A 209 -4.33 22.98 2.44
C GLU A 209 -5.32 23.27 1.31
N ASP A 210 -5.10 22.67 0.15
CA ASP A 210 -5.90 23.00 -1.03
C ASP A 210 -7.32 22.44 -0.98
N ASN A 211 -7.58 21.53 -0.05
CA ASN A 211 -8.91 20.96 0.11
C ASN A 211 -9.70 21.58 1.25
N ILE A 212 -9.19 22.70 1.77
CA ILE A 212 -9.81 23.36 2.91
C ILE A 212 -10.20 24.78 2.56
N ASN A 213 -11.43 25.15 2.90
CA ASN A 213 -11.93 26.50 2.67
C ASN A 213 -12.27 27.16 3.98
N TRP A 214 -11.94 28.45 4.12
CA TRP A 214 -12.15 29.19 5.36
C TRP A 214 -13.18 30.29 5.15
N VAL A 215 -14.23 30.27 5.96
CA VAL A 215 -15.36 31.19 5.77
C VAL A 215 -15.81 31.87 7.04
N PRO A 216 -15.76 33.21 7.06
CA PRO A 216 -16.20 34.00 8.21
C PRO A 216 -17.71 34.07 8.26
N ILE A 217 -18.31 33.78 9.40
CA ILE A 217 -19.75 34.02 9.56
C ILE A 217 -20.04 34.60 10.92
N SER A 218 -21.21 35.24 11.05
CA SER A 218 -21.62 35.88 12.28
C SER A 218 -22.45 34.93 13.13
N GLY A 219 -23.39 34.23 12.49
CA GLY A 219 -24.28 33.32 13.20
C GLY A 219 -25.39 34.08 13.92
N PHE A 220 -25.01 35.00 14.81
CA PHE A 220 -25.98 35.90 15.44
C PHE A 220 -26.88 36.51 14.37
N SER A 221 -26.25 37.17 13.41
CA SER A 221 -26.98 37.91 12.39
C SER A 221 -27.22 37.09 11.13
N GLY A 222 -26.47 36.01 10.97
CA GLY A 222 -26.53 35.22 9.76
C GLY A 222 -25.58 35.72 8.69
N GLU A 223 -24.84 36.79 8.99
CA GLU A 223 -23.91 37.33 8.02
C GLU A 223 -22.92 36.26 7.59
N GLY A 224 -22.90 35.95 6.30
CA GLY A 224 -21.96 34.97 5.77
C GLY A 224 -22.55 33.59 5.58
N VAL A 225 -23.74 33.35 6.11
CA VAL A 225 -24.36 32.04 5.99
C VAL A 225 -24.98 31.81 4.61
N TYR A 226 -26.16 32.39 4.36
CA TYR A 226 -26.78 32.22 3.06
C TYR A 226 -27.37 33.53 2.52
N LYS A 227 -28.56 33.90 3.00
CA LYS A 227 -29.30 35.01 2.42
C LYS A 227 -28.94 36.41 2.92
N ILE A 228 -28.19 36.50 4.01
CA ILE A 228 -27.74 37.82 4.45
C ILE A 228 -26.26 38.04 4.11
N GLU A 229 -26.01 39.03 3.26
CA GLU A 229 -24.70 39.25 2.65
C GLU A 229 -23.69 39.89 3.61
N TYR A 230 -22.41 39.73 3.28
CA TYR A 230 -21.34 40.37 4.03
C TYR A 230 -21.44 41.90 3.95
N THR A 231 -21.04 42.58 5.03
CA THR A 231 -20.99 44.03 5.05
C THR A 231 -19.90 44.53 4.13
N ASP A 232 -20.00 45.79 3.72
CA ASP A 232 -18.95 46.42 2.96
C ASP A 232 -17.64 46.35 3.73
N GLU A 233 -17.72 46.63 5.02
CA GLU A 233 -16.54 46.63 5.86
C GLU A 233 -15.85 45.28 5.87
N VAL A 234 -16.63 44.21 5.95
CA VAL A 234 -16.09 42.87 5.92
C VAL A 234 -15.60 42.57 4.50
N ARG A 235 -16.34 43.09 3.55
CA ARG A 235 -16.04 42.87 2.14
C ARG A 235 -14.66 43.39 1.72
N GLN A 236 -14.13 44.35 2.45
CA GLN A 236 -12.84 44.90 2.06
C GLN A 236 -11.68 43.94 2.34
N TRP A 237 -11.76 43.17 3.43
CA TRP A 237 -10.73 42.15 3.66
C TRP A 237 -11.12 40.74 3.21
N TYR A 238 -12.39 40.38 3.40
CA TYR A 238 -12.85 39.07 2.94
C TYR A 238 -13.58 39.15 1.61
N ASN A 239 -13.00 38.53 0.58
CA ASN A 239 -13.55 38.61 -0.77
C ASN A 239 -14.13 37.27 -1.24
N GLY A 240 -14.12 36.27 -0.35
CA GLY A 240 -14.56 34.93 -0.68
C GLY A 240 -16.05 34.71 -0.72
N PRO A 241 -16.48 33.49 -1.08
CA PRO A 241 -17.90 33.11 -1.14
C PRO A 241 -18.43 32.89 0.25
N ASN A 242 -19.73 33.02 0.46
CA ASN A 242 -20.29 32.69 1.76
C ASN A 242 -20.42 31.18 1.93
N LEU A 243 -20.96 30.74 3.06
CA LEU A 243 -21.02 29.33 3.38
C LEU A 243 -21.81 28.54 2.34
N MET A 244 -23.05 28.95 2.11
CA MET A 244 -23.89 28.27 1.13
C MET A 244 -23.25 28.14 -0.25
N SER A 245 -22.58 29.20 -0.71
CA SER A 245 -21.93 29.17 -2.02
C SER A 245 -20.76 28.20 -2.00
N THR A 246 -20.04 28.20 -0.89
CA THR A 246 -18.92 27.29 -0.74
C THR A 246 -19.43 25.87 -0.82
N LEU A 247 -20.46 25.56 -0.03
CA LEU A 247 -21.13 24.27 -0.10
C LEU A 247 -21.55 23.93 -1.53
N GLU A 248 -22.20 24.87 -2.21
CA GLU A 248 -22.63 24.66 -3.59
C GLU A 248 -21.45 24.37 -4.51
N ASN A 249 -20.35 25.08 -4.29
CA ASN A 249 -19.17 24.88 -5.12
C ASN A 249 -18.62 23.47 -4.92
N ALA A 250 -18.54 23.06 -3.65
CA ALA A 250 -18.12 21.71 -3.31
C ALA A 250 -18.97 20.68 -4.05
N ALA A 251 -20.30 20.82 -4.00
CA ALA A 251 -21.18 19.87 -4.65
C ALA A 251 -20.88 19.69 -6.13
N PHE A 252 -20.57 20.79 -6.81
CA PHE A 252 -20.30 20.73 -8.24
C PHE A 252 -19.05 19.91 -8.56
N LYS A 253 -18.00 20.07 -7.76
CA LYS A 253 -16.79 19.30 -8.00
C LYS A 253 -17.11 17.82 -8.07
N ILE A 254 -17.97 17.37 -7.16
CA ILE A 254 -18.42 15.98 -7.16
C ILE A 254 -19.23 15.64 -8.41
N SER A 255 -20.22 16.47 -8.71
CA SER A 255 -20.99 16.30 -9.94
C SER A 255 -20.05 16.10 -11.14
N LYS A 256 -18.83 16.62 -11.05
CA LYS A 256 -17.88 16.53 -12.15
C LYS A 256 -17.40 15.10 -12.36
N GLU A 257 -16.80 14.53 -11.33
CA GLU A 257 -16.34 13.14 -11.37
C GLU A 257 -17.41 12.24 -11.97
N ASN A 258 -18.59 12.27 -11.36
CA ASN A 258 -19.68 11.36 -11.70
C ASN A 258 -20.06 11.26 -13.16
N GLU A 259 -19.86 12.31 -13.94
CA GLU A 259 -20.33 12.25 -15.32
C GLU A 259 -19.54 11.26 -16.18
N GLY A 260 -18.39 10.84 -15.66
CA GLY A 260 -17.61 9.78 -16.30
C GLY A 260 -18.21 8.40 -16.09
N ILE A 261 -19.09 8.28 -15.09
CA ILE A 261 -19.69 7.01 -14.71
C ILE A 261 -20.20 6.17 -15.89
N ASN A 262 -19.88 4.89 -15.85
CA ASN A 262 -20.18 3.95 -16.92
C ASN A 262 -21.07 2.80 -16.47
N LYS A 263 -21.40 1.94 -17.42
CA LYS A 263 -21.97 0.65 -17.11
C LYS A 263 -20.81 -0.28 -16.71
N ASP A 264 -19.60 0.14 -17.03
CA ASP A 264 -18.41 -0.61 -16.63
C ASP A 264 -18.07 -0.31 -15.17
N ASP A 265 -18.61 0.78 -14.65
CA ASP A 265 -18.40 1.14 -13.25
C ASP A 265 -19.26 0.27 -12.34
N PRO A 266 -18.63 -0.33 -11.33
CA PRO A 266 -19.36 -1.18 -10.39
C PRO A 266 -20.36 -0.37 -9.56
N PHE A 267 -21.51 -0.96 -9.30
CA PHE A 267 -22.48 -0.41 -8.36
C PHE A 267 -22.12 -0.88 -6.95
N LEU A 268 -21.99 0.07 -6.02
CA LEU A 268 -21.80 -0.25 -4.60
C LEU A 268 -22.74 0.58 -3.74
N PHE A 269 -23.32 -0.03 -2.73
CA PHE A 269 -24.41 0.59 -1.98
C PHE A 269 -24.31 0.18 -0.52
N SER A 270 -24.20 1.16 0.36
CA SER A 270 -24.17 0.87 1.79
C SER A 270 -25.58 0.87 2.35
N VAL A 271 -25.94 -0.23 3.00
CA VAL A 271 -27.26 -0.34 3.63
C VAL A 271 -27.29 0.42 4.95
N LEU A 272 -28.20 1.37 5.05
CA LEU A 272 -28.28 2.18 6.26
C LEU A 272 -29.56 1.93 7.04
N GLU A 273 -30.59 1.46 6.35
CA GLU A 273 -31.85 1.19 7.03
C GLU A 273 -32.75 0.30 6.19
N ILE A 274 -33.32 -0.72 6.84
CA ILE A 274 -34.33 -1.53 6.20
C ILE A 274 -35.66 -1.10 6.80
N ILE A 275 -36.51 -0.50 5.98
CA ILE A 275 -37.83 -0.05 6.42
C ILE A 275 -38.78 -1.23 6.52
N PRO A 276 -39.48 -1.34 7.68
CA PRO A 276 -40.50 -2.38 7.92
C PRO A 276 -41.74 -2.16 7.03
N THR A 280 -45.08 -11.12 2.21
CA THR A 280 -45.96 -10.09 1.68
C THR A 280 -47.11 -10.61 0.77
N SER A 281 -46.81 -11.47 -0.20
CA SER A 281 -45.48 -11.99 -0.48
C SER A 281 -45.08 -11.86 -1.95
N ASN A 282 -44.04 -11.05 -2.18
CA ASN A 282 -43.35 -11.00 -3.46
C ASN A 282 -41.86 -10.90 -3.11
N ASP A 283 -41.62 -10.96 -1.79
CA ASP A 283 -40.30 -10.72 -1.21
C ASP A 283 -39.90 -9.25 -1.41
N LEU A 284 -40.89 -8.38 -1.39
CA LEU A 284 -40.62 -6.96 -1.44
C LEU A 284 -39.92 -6.50 -0.17
N ALA A 285 -39.13 -5.44 -0.31
CA ALA A 285 -38.42 -4.85 0.81
C ALA A 285 -37.95 -3.46 0.43
N LEU A 286 -37.87 -2.60 1.44
CA LEU A 286 -37.38 -1.24 1.27
C LEU A 286 -36.06 -1.10 2.02
N VAL A 287 -34.99 -0.92 1.24
CA VAL A 287 -33.66 -0.80 1.82
C VAL A 287 -33.12 0.58 1.47
N SER A 288 -32.84 1.35 2.52
CA SER A 288 -32.29 2.69 2.37
C SER A 288 -30.78 2.65 2.52
N GLY A 289 -30.09 3.45 1.71
CA GLY A 289 -28.65 3.55 1.81
C GLY A 289 -28.02 4.62 0.94
N LYS A 290 -26.72 4.50 0.77
CA LYS A 290 -25.96 5.46 0.00
C LYS A 290 -25.19 4.72 -1.08
N LEU A 291 -25.23 5.25 -2.30
CA LEU A 291 -24.35 4.76 -3.36
C LEU A 291 -22.93 5.24 -3.13
N GLU A 292 -21.99 4.30 -3.12
CA GLU A 292 -20.58 4.60 -3.00
C GLU A 292 -19.87 4.44 -4.35
N SER A 293 -20.62 3.99 -5.36
CA SER A 293 -20.03 3.72 -6.67
C SER A 293 -21.07 3.43 -7.73
N GLY A 294 -20.79 3.86 -8.96
CA GLY A 294 -21.60 3.52 -10.11
C GLY A 294 -23.00 4.11 -10.14
N SER A 295 -23.94 3.35 -10.69
CA SER A 295 -25.34 3.75 -10.77
C SER A 295 -26.24 2.53 -10.70
N ILE A 296 -27.53 2.77 -10.52
CA ILE A 296 -28.53 1.71 -10.49
C ILE A 296 -29.84 2.23 -11.08
N GLN A 297 -30.49 1.40 -11.90
CA GLN A 297 -31.78 1.73 -12.49
C GLN A 297 -32.80 0.65 -12.19
N PRO A 298 -34.09 0.99 -12.19
CA PRO A 298 -35.13 -0.03 -12.01
C PRO A 298 -35.02 -1.09 -13.10
N GLY A 299 -35.07 -2.36 -12.71
CA GLY A 299 -34.90 -3.46 -13.63
C GLY A 299 -33.56 -4.13 -13.46
N GLU A 300 -32.57 -3.39 -12.97
CA GLU A 300 -31.27 -3.96 -12.72
C GLU A 300 -31.30 -4.77 -11.43
N SER A 301 -30.30 -5.62 -11.25
CA SER A 301 -30.22 -6.46 -10.07
C SER A 301 -28.99 -6.10 -9.23
N LEU A 302 -28.93 -6.64 -8.03
CA LEU A 302 -27.79 -6.46 -7.16
C LEU A 302 -27.69 -7.67 -6.24
N THR A 303 -26.53 -7.84 -5.61
CA THR A 303 -26.38 -8.88 -4.60
C THR A 303 -26.04 -8.23 -3.26
N ILE A 304 -26.65 -8.71 -2.20
CA ILE A 304 -26.39 -8.17 -0.89
C ILE A 304 -25.51 -9.09 -0.05
N TYR A 305 -24.43 -8.53 0.49
CA TYR A 305 -23.51 -9.28 1.31
C TYR A 305 -23.73 -8.87 2.77
N PRO A 306 -23.53 -9.79 3.71
CA PRO A 306 -22.98 -11.16 3.62
C PRO A 306 -23.99 -12.26 3.28
N SER A 307 -25.29 -11.98 3.30
CA SER A 307 -26.27 -13.03 3.01
C SER A 307 -26.12 -13.60 1.59
N GLU A 308 -25.48 -12.85 0.71
CA GLU A 308 -25.29 -13.27 -0.67
C GLU A 308 -26.58 -13.51 -1.44
N GLN A 309 -27.60 -12.71 -1.16
CA GLN A 309 -28.85 -12.78 -1.92
C GLN A 309 -28.87 -11.77 -3.06
N SER A 310 -29.30 -12.23 -4.23
CA SER A 310 -29.47 -11.36 -5.39
C SER A 310 -30.93 -10.91 -5.50
N CYS A 311 -31.11 -9.63 -5.79
CA CYS A 311 -32.45 -9.04 -5.79
C CYS A 311 -32.65 -8.21 -7.04
N ILE A 312 -33.90 -7.84 -7.28
CA ILE A 312 -34.23 -6.96 -8.38
C ILE A 312 -34.79 -5.67 -7.80
N VAL A 313 -34.34 -4.55 -8.33
CA VAL A 313 -34.89 -3.29 -7.90
C VAL A 313 -35.92 -2.86 -8.93
N ASP A 314 -37.15 -2.66 -8.49
CA ASP A 314 -38.16 -2.21 -9.45
C ASP A 314 -38.62 -0.79 -9.19
N LYS A 315 -38.12 -0.19 -8.12
CA LYS A 315 -38.32 1.24 -7.87
C LYS A 315 -37.21 1.85 -6.99
N ILE A 316 -36.87 3.10 -7.29
CA ILE A 316 -35.88 3.85 -6.54
C ILE A 316 -36.52 5.14 -6.02
N GLN A 317 -36.68 5.25 -4.71
CA GLN A 317 -37.24 6.47 -4.14
C GLN A 317 -36.19 7.37 -3.52
N VAL A 318 -36.31 8.66 -3.79
CA VAL A 318 -35.32 9.63 -3.36
C VAL A 318 -35.97 10.81 -2.64
N GLY A 319 -35.14 11.67 -2.08
CA GLY A 319 -35.61 12.86 -1.41
C GLY A 319 -36.18 12.57 -0.04
N SER A 320 -36.63 13.62 0.64
CA SER A 320 -37.20 13.51 1.97
C SER A 320 -38.26 12.42 2.00
N GLN A 321 -38.98 12.25 0.88
CA GLN A 321 -40.06 11.28 0.79
C GLN A 321 -39.61 9.83 0.95
N GLN A 322 -38.43 9.50 0.42
CA GLN A 322 -37.93 8.13 0.43
C GLN A 322 -38.16 7.44 1.77
N HIS A 328 -43.63 10.12 -2.85
CA HIS A 328 -43.77 9.56 -4.19
C HIS A 328 -42.82 10.20 -5.21
N GLU A 329 -41.59 10.45 -4.79
CA GLU A 329 -40.56 10.87 -5.76
C GLU A 329 -39.72 9.65 -6.15
N GLU A 330 -39.62 9.41 -7.45
CA GLU A 330 -39.03 8.18 -7.97
C GLU A 330 -38.21 8.45 -9.22
N THR A 331 -36.90 8.38 -9.09
CA THR A 331 -36.04 8.54 -10.26
C THR A 331 -35.83 7.19 -10.91
N ASP A 332 -35.38 7.22 -12.16
CA ASP A 332 -35.06 6.00 -12.88
C ASP A 332 -33.56 5.81 -12.92
N VAL A 333 -32.84 6.73 -12.27
CA VAL A 333 -31.41 6.56 -12.09
C VAL A 333 -30.98 7.09 -10.74
N ALA A 334 -30.13 6.35 -10.05
CA ALA A 334 -29.42 6.86 -8.89
C ALA A 334 -27.93 6.67 -9.15
N ILE A 335 -27.11 7.55 -8.60
CA ILE A 335 -25.68 7.49 -8.86
C ILE A 335 -24.86 7.75 -7.59
N LYS A 336 -23.58 7.41 -7.66
CA LYS A 336 -22.68 7.55 -6.52
C LYS A 336 -22.92 8.84 -5.74
N GLY A 337 -23.06 8.71 -4.43
CA GLY A 337 -23.32 9.87 -3.59
C GLY A 337 -24.76 10.05 -3.16
N ASP A 338 -25.69 9.61 -4.01
CA ASP A 338 -27.12 9.72 -3.71
C ASP A 338 -27.47 8.88 -2.48
N PHE A 339 -28.30 9.46 -1.61
CA PHE A 339 -28.96 8.69 -0.57
C PHE A 339 -30.33 8.35 -1.08
N VAL A 340 -30.65 7.07 -1.20
CA VAL A 340 -31.95 6.68 -1.74
C VAL A 340 -32.50 5.44 -1.06
N THR A 341 -33.74 5.12 -1.41
CA THR A 341 -34.39 3.92 -0.91
C THR A 341 -34.78 3.02 -2.08
N LEU A 342 -34.24 1.81 -2.08
CA LEU A 342 -34.52 0.85 -3.14
C LEU A 342 -35.69 -0.02 -2.73
N LYS A 343 -36.69 -0.09 -3.59
CA LYS A 343 -37.76 -1.06 -3.43
C LYS A 343 -37.31 -2.33 -4.15
N LEU A 344 -37.05 -3.38 -3.38
CA LEU A 344 -36.48 -4.61 -3.93
C LEU A 344 -37.50 -5.76 -4.07
N ARG A 345 -37.43 -6.45 -5.20
CA ARG A 345 -38.14 -7.70 -5.37
C ARG A 345 -37.21 -8.86 -5.06
N LYS A 346 -37.76 -9.89 -4.44
CA LYS A 346 -37.04 -11.14 -4.16
C LYS A 346 -35.99 -10.96 -3.07
N ALA A 347 -36.33 -10.17 -2.06
CA ALA A 347 -35.43 -9.85 -0.98
C ALA A 347 -35.93 -10.45 0.32
N TYR A 348 -34.99 -10.76 1.21
CA TYR A 348 -35.32 -11.35 2.50
C TYR A 348 -34.67 -10.54 3.61
N PRO A 349 -35.41 -9.57 4.16
CA PRO A 349 -34.94 -8.63 5.19
C PRO A 349 -34.45 -9.32 6.45
N GLU A 350 -34.93 -10.53 6.71
CA GLU A 350 -34.47 -11.29 7.87
C GLU A 350 -32.95 -11.34 7.90
N ASP A 351 -32.33 -11.32 6.72
CA ASP A 351 -30.88 -11.43 6.64
C ASP A 351 -30.26 -10.22 5.97
N ILE A 352 -30.90 -9.07 6.15
CA ILE A 352 -30.32 -7.81 5.71
C ILE A 352 -30.24 -6.88 6.91
N GLN A 353 -29.05 -6.39 7.22
CA GLN A 353 -28.86 -5.50 8.36
C GLN A 353 -28.17 -4.21 7.96
N ASN A 354 -28.34 -3.18 8.77
CA ASN A 354 -27.57 -1.95 8.63
C ASN A 354 -26.09 -2.29 8.61
N GLY A 355 -25.35 -1.68 7.69
CA GLY A 355 -23.94 -2.00 7.55
C GLY A 355 -23.67 -2.98 6.44
N ASP A 356 -24.72 -3.62 5.93
CA ASP A 356 -24.58 -4.56 4.84
C ASP A 356 -24.21 -3.82 3.57
N LEU A 357 -23.63 -4.55 2.63
CA LEU A 357 -23.10 -3.96 1.43
C LEU A 357 -23.73 -4.64 0.21
N ALA A 358 -24.18 -3.85 -0.75
CA ALA A 358 -24.70 -4.39 -2.00
C ALA A 358 -23.87 -3.95 -3.21
N ALA A 359 -23.84 -4.81 -4.23
CA ALA A 359 -23.06 -4.52 -5.42
C ALA A 359 -23.70 -5.07 -6.69
N SER A 360 -23.15 -4.68 -7.83
CA SER A 360 -23.45 -5.35 -9.09
C SER A 360 -23.29 -6.84 -8.89
N VAL A 361 -24.08 -7.61 -9.64
CA VAL A 361 -24.09 -9.06 -9.48
C VAL A 361 -22.79 -9.68 -10.00
N ASP A 362 -22.09 -8.96 -10.86
CA ASP A 362 -20.88 -9.47 -11.50
C ASP A 362 -19.61 -8.92 -10.87
N TYR A 363 -19.76 -8.37 -9.67
CA TYR A 363 -18.64 -7.79 -8.95
C TYR A 363 -18.32 -8.70 -7.78
N SER A 364 -17.07 -9.15 -7.71
CA SER A 364 -16.74 -10.18 -6.73
C SER A 364 -15.57 -9.83 -5.83
N SER A 365 -15.44 -8.55 -5.46
CA SER A 365 -14.35 -8.15 -4.60
C SER A 365 -14.75 -8.03 -3.13
N ILE A 366 -16.03 -8.20 -2.84
CA ILE A 366 -16.50 -8.19 -1.46
C ILE A 366 -16.32 -9.57 -0.86
N HIS A 367 -15.96 -9.63 0.41
CA HIS A 367 -15.66 -10.89 1.08
C HIS A 367 -15.99 -10.82 2.56
N SER A 368 -16.35 -11.94 3.15
CA SER A 368 -16.42 -12.04 4.60
C SER A 368 -15.12 -12.69 5.08
N ALA A 369 -14.55 -12.15 6.15
CA ALA A 369 -13.29 -12.70 6.64
C ALA A 369 -13.12 -12.59 8.14
N GLN A 370 -12.38 -13.53 8.70
CA GLN A 370 -11.98 -13.46 10.09
C GLN A 370 -10.77 -12.56 10.20
N CYS A 371 -9.88 -12.66 9.22
CA CYS A 371 -8.59 -11.98 9.27
C CYS A 371 -8.33 -11.19 8.01
N PHE A 372 -7.68 -10.06 8.18
CA PHE A 372 -7.24 -9.27 7.05
C PHE A 372 -6.09 -8.37 7.50
N VAL A 373 -5.45 -7.73 6.54
CA VAL A 373 -4.26 -6.97 6.82
C VAL A 373 -4.60 -5.50 6.75
N LEU A 374 -4.14 -4.75 7.73
CA LEU A 374 -4.34 -3.30 7.71
C LEU A 374 -3.02 -2.60 7.48
N GLU A 375 -3.04 -1.59 6.62
CA GLU A 375 -2.00 -0.60 6.60
C GLU A 375 -2.37 0.33 7.74
N LEU A 376 -1.62 0.26 8.83
CA LEU A 376 -2.02 0.91 10.07
C LEU A 376 -1.23 2.20 10.36
N THR A 377 -1.94 3.27 10.67
CA THR A 377 -1.33 4.49 11.19
C THR A 377 -1.72 4.68 12.66
N THR A 378 -0.71 4.71 13.52
CA THR A 378 -0.97 4.79 14.94
C THR A 378 -0.90 6.24 15.46
N PHE A 379 -1.72 6.56 16.44
CA PHE A 379 -1.70 7.90 17.00
C PHE A 379 -0.97 7.91 18.34
N ASP A 380 -1.36 8.81 19.23
CA ASP A 380 -0.82 8.83 20.57
C ASP A 380 -1.58 7.85 21.45
N MET A 381 -0.92 6.74 21.80
CA MET A 381 -1.54 5.66 22.54
C MET A 381 -0.99 5.57 23.97
N ASN A 382 -1.79 5.01 24.87
CA ASN A 382 -1.37 4.84 26.27
C ASN A 382 -0.44 3.64 26.44
N ARG A 383 -0.79 2.54 25.80
CA ARG A 383 0.05 1.35 25.81
C ARG A 383 0.35 0.90 24.37
N PRO A 384 1.47 0.22 24.15
CA PRO A 384 1.84 -0.21 22.80
C PRO A 384 0.97 -1.37 22.35
N LEU A 385 0.86 -1.55 21.03
CA LEU A 385 0.14 -2.68 20.47
C LEU A 385 1.04 -3.91 20.38
N LEU A 386 0.52 -5.04 20.82
CA LEU A 386 1.27 -6.28 20.79
C LEU A 386 0.49 -7.36 20.05
N PRO A 387 1.19 -8.40 19.57
CA PRO A 387 0.45 -9.59 19.17
C PRO A 387 -0.58 -9.96 20.23
N GLY A 388 -1.86 -10.01 19.84
CA GLY A 388 -2.91 -10.42 20.75
C GLY A 388 -3.70 -9.29 21.38
N THR A 389 -3.24 -8.06 21.27
CA THR A 389 -3.93 -6.92 21.87
C THR A 389 -5.32 -6.75 21.25
N PRO A 390 -6.36 -6.73 22.10
CA PRO A 390 -7.74 -6.56 21.64
C PRO A 390 -8.08 -5.08 21.54
N PHE A 391 -9.04 -4.75 20.71
CA PHE A 391 -9.49 -3.36 20.57
C PHE A 391 -10.87 -3.41 19.97
N ILE A 392 -11.46 -2.25 19.70
CA ILE A 392 -12.71 -2.24 18.97
C ILE A 392 -12.53 -1.68 17.57
N LEU A 393 -12.98 -2.43 16.59
CA LEU A 393 -12.80 -2.05 15.20
C LEU A 393 -14.07 -1.39 14.70
N PHE A 394 -13.91 -0.23 14.07
CA PHE A 394 -15.02 0.51 13.50
C PHE A 394 -14.89 0.59 12.00
N ILE A 395 -15.93 0.17 11.30
CA ILE A 395 -15.89 0.23 9.86
C ILE A 395 -17.26 0.58 9.30
N GLY A 396 -17.31 1.62 8.48
CA GLY A 396 -18.56 2.20 8.06
C GLY A 396 -19.43 2.41 9.29
N VAL A 397 -20.62 1.83 9.23
CA VAL A 397 -21.64 2.02 10.24
C VAL A 397 -21.57 0.92 11.32
N LYS A 398 -20.66 -0.03 11.12
CA LYS A 398 -20.53 -1.18 12.00
C LYS A 398 -19.38 -1.06 13.00
N GLU A 399 -19.47 -1.77 14.12
CA GLU A 399 -18.38 -1.84 15.08
C GLU A 399 -18.24 -3.29 15.53
N GLN A 400 -17.02 -3.73 15.77
CA GLN A 400 -16.77 -5.13 16.07
C GLN A 400 -15.50 -5.32 16.88
N PRO A 401 -15.58 -6.11 17.96
CA PRO A 401 -14.35 -6.38 18.72
C PRO A 401 -13.36 -7.15 17.86
N ALA A 402 -12.06 -6.94 18.07
CA ALA A 402 -11.03 -7.64 17.32
C ALA A 402 -9.70 -7.58 18.05
N ARG A 403 -8.70 -8.26 17.52
CA ARG A 403 -7.36 -8.22 18.10
C ARG A 403 -6.27 -8.34 17.06
N ILE A 404 -5.09 -7.82 17.41
CA ILE A 404 -3.90 -7.98 16.61
C ILE A 404 -3.55 -9.46 16.54
N LYS A 405 -3.37 -9.98 15.34
CA LYS A 405 -2.95 -11.35 15.21
C LYS A 405 -1.44 -11.35 14.99
N ARG A 406 -0.97 -10.46 14.13
CA ARG A 406 0.45 -10.35 13.84
C ARG A 406 0.85 -8.91 13.62
N LEU A 407 2.04 -8.56 14.11
CA LEU A 407 2.69 -7.34 13.69
C LEU A 407 3.60 -7.80 12.56
N ILE A 408 3.33 -7.34 11.36
CA ILE A 408 4.01 -7.85 10.17
C ILE A 408 5.28 -7.07 9.81
N SER A 409 5.18 -5.75 9.74
CA SER A 409 6.33 -4.94 9.44
C SER A 409 6.05 -3.46 9.62
N PHE A 410 7.08 -2.71 10.01
CA PHE A 410 7.01 -1.26 9.99
C PHE A 410 6.98 -0.82 8.54
N ILE A 411 6.38 0.34 8.28
CA ILE A 411 6.54 0.99 6.98
C ILE A 411 7.41 2.24 7.12
N ASP A 412 8.49 2.26 6.36
CA ASP A 412 9.45 3.34 6.48
C ASP A 412 9.22 4.41 5.41
N LYS A 413 8.70 4.00 4.26
CA LYS A 413 8.40 4.96 3.19
C LYS A 413 7.17 4.65 2.34
N GLY A 414 6.11 5.42 2.57
CA GLY A 414 4.88 5.32 1.79
C GLY A 414 4.19 3.98 1.99
N ASN A 415 4.74 2.94 1.37
CA ASN A 415 4.25 1.58 1.57
C ASN A 415 5.37 0.57 1.73
N THR A 416 6.62 1.02 1.69
CA THR A 416 7.76 0.10 1.76
C THR A 416 7.89 -0.58 3.12
N ALA A 417 7.94 -1.91 3.09
CA ALA A 417 8.00 -2.72 4.31
C ALA A 417 9.41 -2.79 4.88
N SER A 418 9.65 -2.02 5.95
CA SER A 418 10.96 -1.93 6.57
C SER A 418 11.48 -3.27 7.06
N LYS A 419 12.81 -3.39 7.10
CA LYS A 419 13.46 -4.61 7.57
C LYS A 419 13.77 -4.58 9.07
N LYS A 420 13.37 -3.50 9.75
CA LYS A 420 13.51 -3.40 11.19
C LYS A 420 12.56 -4.39 11.88
N LYS A 421 13.11 -5.27 12.70
CA LYS A 421 12.28 -6.26 13.36
C LYS A 421 11.27 -5.52 14.21
N ILE A 422 10.03 -6.02 14.24
CA ILE A 422 8.97 -5.34 14.96
C ILE A 422 8.36 -6.23 16.03
N ARG A 423 8.52 -5.84 17.28
CA ARG A 423 8.10 -6.67 18.41
C ARG A 423 6.85 -6.08 19.03
N HIS A 424 6.66 -4.78 18.82
CA HIS A 424 5.52 -4.07 19.37
C HIS A 424 5.33 -2.77 18.62
N LEU A 425 4.12 -2.24 18.63
CA LEU A 425 3.79 -1.08 17.84
C LEU A 425 3.39 0.09 18.73
N GLY A 426 4.27 1.07 18.84
CA GLY A 426 4.02 2.25 19.66
C GLY A 426 3.37 3.42 18.94
N SER A 427 3.37 4.57 19.60
CA SER A 427 2.68 5.76 19.12
C SER A 427 3.32 6.36 17.87
N LYS A 428 2.50 7.06 17.08
CA LYS A 428 2.97 7.77 15.90
C LYS A 428 3.85 6.89 15.00
N GLN A 429 3.39 5.69 14.71
CA GLN A 429 4.09 4.78 13.80
C GLN A 429 3.13 4.22 12.75
N ARG A 430 3.68 3.78 11.63
CA ARG A 430 2.89 3.14 10.60
C ARG A 430 3.44 1.73 10.41
N ALA A 431 2.55 0.77 10.21
CA ALA A 431 2.95 -0.63 10.11
C ALA A 431 1.86 -1.43 9.41
N PHE A 432 2.27 -2.54 8.79
CA PHE A 432 1.32 -3.52 8.32
C PHE A 432 1.01 -4.48 9.45
N VAL A 433 -0.28 -4.76 9.64
CA VAL A 433 -0.71 -5.58 10.74
C VAL A 433 -1.79 -6.56 10.30
N GLU A 434 -1.82 -7.72 10.92
CA GLU A 434 -2.90 -8.65 10.66
C GLU A 434 -3.86 -8.62 11.82
N ILE A 435 -5.14 -8.49 11.51
CA ILE A 435 -6.18 -8.35 12.50
C ILE A 435 -7.04 -9.59 12.48
N GLU A 436 -7.49 -10.01 13.64
CA GLU A 436 -8.47 -11.07 13.71
C GLU A 436 -9.73 -10.52 14.37
N LEU A 437 -10.88 -10.83 13.79
CA LEU A 437 -12.16 -10.53 14.41
C LEU A 437 -12.41 -11.55 15.50
N ILE A 438 -13.00 -11.11 16.61
CA ILE A 438 -13.31 -12.04 17.68
C ILE A 438 -14.75 -11.87 18.11
N GLU A 439 -15.30 -12.88 18.79
CA GLU A 439 -16.68 -12.84 19.25
C GLU A 439 -17.62 -12.47 18.12
N VAL A 440 -17.49 -13.18 17.00
CA VAL A 440 -18.25 -12.87 15.81
C VAL A 440 -19.59 -13.61 15.77
N LYS A 441 -20.67 -12.84 15.84
CA LYS A 441 -22.00 -13.41 15.72
C LYS A 441 -22.42 -13.49 14.25
N ARG A 442 -21.97 -12.52 13.45
CA ARG A 442 -22.37 -12.39 12.06
C ARG A 442 -21.23 -11.82 11.21
N TRP A 443 -21.07 -12.36 10.01
CA TRP A 443 -19.97 -11.96 9.14
C TRP A 443 -20.09 -10.53 8.63
N ILE A 444 -18.93 -9.91 8.46
CA ILE A 444 -18.86 -8.51 8.05
C ILE A 444 -18.36 -8.47 6.61
N PRO A 445 -19.16 -7.92 5.70
CA PRO A 445 -18.71 -7.76 4.32
C PRO A 445 -17.57 -6.75 4.28
N LEU A 446 -16.48 -7.11 3.59
CA LEU A 446 -15.27 -6.30 3.57
C LEU A 446 -14.82 -6.01 2.16
N LEU A 447 -14.28 -4.82 1.96
CA LEU A 447 -13.68 -4.40 0.70
C LEU A 447 -12.34 -3.71 0.96
N THR A 448 -11.31 -4.06 0.18
CA THR A 448 -9.99 -3.43 0.35
C THR A 448 -10.02 -1.98 -0.07
N ALA A 449 -9.14 -1.19 0.54
CA ALA A 449 -9.06 0.22 0.24
C ALA A 449 -8.61 0.50 -1.20
N HIS A 450 -7.98 -0.46 -1.86
CA HIS A 450 -7.64 -0.19 -3.27
C HIS A 450 -8.79 -0.41 -4.24
N GLU A 451 -9.80 -1.17 -3.83
CA GLU A 451 -11.03 -1.26 -4.60
C GLU A 451 -11.88 -0.01 -4.38
N ASN A 452 -11.93 0.46 -3.14
CA ASN A 452 -12.72 1.63 -2.76
C ASN A 452 -12.16 2.35 -1.54
N ASP A 453 -11.57 3.51 -1.76
CA ASP A 453 -10.89 4.27 -0.71
C ASP A 453 -11.73 4.47 0.55
N ARG A 454 -12.97 4.90 0.40
CA ARG A 454 -13.84 5.20 1.53
C ARG A 454 -14.23 3.95 2.32
N LEU A 455 -14.73 2.94 1.61
CA LEU A 455 -15.18 1.70 2.24
C LEU A 455 -14.04 0.87 2.84
N GLY A 456 -12.82 1.08 2.35
CA GLY A 456 -11.68 0.32 2.84
C GLY A 456 -11.00 0.94 4.06
N ARG A 457 -11.69 1.83 4.77
CA ARG A 457 -11.10 2.56 5.89
C ARG A 457 -11.64 1.99 7.18
N VAL A 458 -10.81 1.91 8.20
CA VAL A 458 -11.26 1.51 9.52
C VAL A 458 -10.63 2.42 10.55
N VAL A 459 -11.23 2.47 11.75
CA VAL A 459 -10.61 3.16 12.88
C VAL A 459 -10.58 2.20 14.06
N LEU A 460 -9.55 2.34 14.90
CA LEU A 460 -9.39 1.44 16.03
C LEU A 460 -9.50 2.21 17.33
N ARG A 461 -10.29 1.68 18.25
CA ARG A 461 -10.37 2.28 19.57
C ARG A 461 -10.11 1.23 20.65
N LYS A 462 -9.55 1.65 21.76
CA LYS A 462 -9.51 0.82 22.95
C LYS A 462 -9.44 1.67 24.21
N ASP A 463 -10.09 1.20 25.27
CA ASP A 463 -10.22 1.96 26.49
C ASP A 463 -10.80 3.35 26.25
N GLY A 464 -11.71 3.44 25.29
CA GLY A 464 -12.40 4.69 25.01
C GLY A 464 -11.52 5.77 24.43
N ARG A 465 -10.51 5.38 23.67
CA ARG A 465 -9.69 6.35 22.95
C ARG A 465 -9.46 5.88 21.51
N THR A 466 -9.37 6.84 20.60
CA THR A 466 -9.02 6.53 19.23
C THR A 466 -7.52 6.33 19.19
N ILE A 467 -7.09 5.11 18.86
CA ILE A 467 -5.67 4.76 18.88
C ILE A 467 -5.04 4.61 17.50
N ALA A 468 -5.85 4.41 16.48
CA ALA A 468 -5.32 4.18 15.15
C ALA A 468 -6.35 4.22 14.02
N ALA A 469 -5.84 4.40 12.82
CA ALA A 469 -6.64 4.35 11.61
C ALA A 469 -5.91 3.43 10.66
N GLY A 470 -6.66 2.75 9.82
CA GLY A 470 -6.07 1.86 8.85
C GLY A 470 -6.85 1.79 7.56
N LYS A 471 -6.19 1.25 6.54
CA LYS A 471 -6.83 0.92 5.29
C LYS A 471 -6.68 -0.58 5.13
N ILE A 472 -7.74 -1.24 4.68
CA ILE A 472 -7.72 -2.67 4.45
C ILE A 472 -6.92 -2.97 3.20
N SER A 473 -5.81 -3.69 3.36
CA SER A 473 -4.89 -3.94 2.25
C SER A 473 -5.17 -5.28 1.62
N GLU A 474 -5.50 -6.25 2.47
CA GLU A 474 -5.71 -7.59 1.97
C GLU A 474 -6.67 -8.33 2.88
N ILE A 475 -7.53 -9.14 2.29
CA ILE A 475 -8.39 -10.02 3.04
C ILE A 475 -7.77 -11.41 3.11
N THR A 476 -7.34 -11.82 4.31
CA THR A 476 -6.83 -13.18 4.54
C THR A 476 -8.03 -14.12 4.68
N GLN A 477 -9.10 -13.73 4.02
CA GLN A 477 -10.34 -14.50 3.89
C GLN A 477 -10.35 -15.90 4.47
N VAL B 5 2.47 -38.45 -7.55
CA VAL B 5 2.30 -38.07 -6.15
C VAL B 5 1.10 -37.16 -5.94
N GLN B 6 0.01 -37.75 -5.46
CA GLN B 6 -1.19 -36.99 -5.15
C GLN B 6 -0.90 -35.88 -4.14
N ARG B 7 -0.06 -36.20 -3.15
CA ARG B 7 -0.05 -35.45 -1.92
C ARG B 7 1.24 -35.76 -1.16
N TYR B 8 1.99 -34.72 -0.80
CA TYR B 8 3.20 -34.93 -0.02
C TYR B 8 2.96 -34.83 1.47
N TYR B 9 3.87 -35.39 2.24
CA TYR B 9 3.83 -35.22 3.68
C TYR B 9 3.97 -33.74 4.00
N LYS B 10 3.17 -33.27 4.96
CA LYS B 10 3.13 -31.85 5.30
C LYS B 10 2.70 -31.66 6.74
N THR B 11 3.49 -30.89 7.49
CA THR B 11 3.18 -30.60 8.87
C THR B 11 3.17 -29.08 9.10
N THR B 12 2.49 -28.65 10.15
CA THR B 12 2.55 -27.26 10.55
C THR B 12 3.12 -27.20 11.95
N VAL B 13 3.76 -28.30 12.35
CA VAL B 13 4.34 -28.41 13.67
C VAL B 13 5.86 -28.39 13.63
N PRO B 14 6.47 -27.32 14.17
CA PRO B 14 7.92 -27.16 14.10
C PRO B 14 8.64 -28.28 14.82
N THR B 15 9.77 -28.72 14.25
CA THR B 15 10.61 -29.70 14.89
C THR B 15 11.85 -29.04 15.50
N LYS B 16 12.38 -29.65 16.55
CA LYS B 16 13.51 -29.10 17.28
C LYS B 16 14.85 -29.30 16.58
N PRO B 17 15.76 -28.32 16.73
CA PRO B 17 17.12 -28.49 16.24
C PRO B 17 17.81 -29.64 16.96
N LYS B 18 18.79 -30.30 16.32
CA LYS B 18 19.54 -31.35 16.98
C LYS B 18 20.27 -30.78 18.19
N LYS B 19 20.99 -29.68 17.97
CA LYS B 19 21.65 -28.96 19.04
C LYS B 19 21.16 -27.52 19.00
N PRO B 20 20.15 -27.19 19.82
CA PRO B 20 19.63 -25.82 19.79
C PRO B 20 20.75 -24.80 20.00
N HIS B 21 20.61 -23.64 19.40
CA HIS B 21 21.61 -22.59 19.53
C HIS B 21 20.92 -21.27 19.82
N ASP B 22 21.64 -20.37 20.49
CA ASP B 22 21.10 -19.04 20.74
C ASP B 22 21.32 -18.18 19.51
N ILE B 23 20.26 -17.99 18.74
CA ILE B 23 20.35 -17.27 17.47
C ILE B 23 21.00 -15.91 17.67
N SER B 24 20.43 -15.15 18.61
CA SER B 24 20.91 -13.80 18.89
C SER B 24 22.42 -13.82 19.09
N ALA B 25 22.86 -14.67 20.02
CA ALA B 25 24.27 -14.82 20.31
C ALA B 25 25.06 -15.19 19.07
N PHE B 26 24.53 -16.12 18.27
CA PHE B 26 25.24 -16.58 17.11
C PHE B 26 25.50 -15.44 16.13
N VAL B 27 24.53 -14.55 15.98
CA VAL B 27 24.71 -13.40 15.12
C VAL B 27 25.92 -12.58 15.55
N LYS B 28 25.82 -11.97 16.73
CA LYS B 28 26.91 -11.15 17.25
C LYS B 28 28.27 -11.82 17.09
N SER B 29 28.35 -13.10 17.42
CA SER B 29 29.61 -13.80 17.32
C SER B 29 30.01 -14.07 15.86
N ALA B 30 29.13 -13.71 14.93
CA ALA B 30 29.35 -14.00 13.51
C ALA B 30 29.86 -12.81 12.71
N LEU B 31 30.71 -13.11 11.74
CA LEU B 31 31.14 -12.14 10.75
C LEU B 31 29.94 -11.62 9.97
N PRO B 32 29.93 -10.31 9.68
CA PRO B 32 28.96 -9.67 8.78
C PRO B 32 29.01 -10.28 7.40
N HIS B 33 27.88 -10.32 6.69
CA HIS B 33 27.86 -10.82 5.32
C HIS B 33 27.09 -9.88 4.40
N LEU B 34 27.57 -9.74 3.18
CA LEU B 34 26.91 -8.90 2.20
C LEU B 34 27.02 -9.54 0.84
N SER B 35 25.92 -9.58 0.10
CA SER B 35 25.96 -9.99 -1.29
C SER B 35 25.68 -8.78 -2.17
N PHE B 36 26.21 -8.77 -3.39
CA PHE B 36 25.99 -7.64 -4.28
C PHE B 36 26.16 -8.08 -5.71
N VAL B 37 25.68 -7.24 -6.62
CA VAL B 37 25.81 -7.49 -8.04
C VAL B 37 26.57 -6.31 -8.67
N VAL B 38 27.32 -6.56 -9.73
CA VAL B 38 28.02 -5.48 -10.41
C VAL B 38 27.29 -5.06 -11.69
N LEU B 39 26.85 -3.82 -11.71
CA LEU B 39 26.05 -3.29 -12.79
C LEU B 39 26.82 -2.20 -13.53
N GLY B 40 26.34 -1.85 -14.71
CA GLY B 40 26.95 -0.75 -15.45
C GLY B 40 27.18 -1.13 -16.89
N HIS B 41 27.56 -0.13 -17.69
CA HIS B 41 27.78 -0.33 -19.10
C HIS B 41 28.89 -1.33 -19.34
N VAL B 42 28.84 -1.97 -20.50
CA VAL B 42 29.86 -2.93 -20.90
C VAL B 42 31.27 -2.33 -20.90
N ASP B 43 31.36 -1.02 -21.14
CA ASP B 43 32.67 -0.36 -21.21
C ASP B 43 33.00 0.41 -19.94
N ALA B 44 32.29 0.12 -18.86
CA ALA B 44 32.54 0.81 -17.62
C ALA B 44 33.74 0.22 -16.90
N GLY B 45 34.03 -1.05 -17.17
CA GLY B 45 35.18 -1.72 -16.57
C GLY B 45 34.80 -2.75 -15.53
N LYS B 46 33.52 -3.10 -15.47
CA LYS B 46 33.03 -4.09 -14.52
C LYS B 46 34.03 -5.22 -14.30
N SER B 47 34.41 -5.90 -15.37
CA SER B 47 35.27 -7.07 -15.25
C SER B 47 36.68 -6.73 -14.75
N THR B 48 37.33 -5.74 -15.36
CA THR B 48 38.65 -5.32 -14.91
C THR B 48 38.58 -4.96 -13.43
N LEU B 49 37.54 -4.21 -13.07
CA LEU B 49 37.31 -3.86 -11.67
C LEU B 49 37.20 -5.12 -10.81
N MET B 50 36.44 -6.10 -11.30
CA MET B 50 36.32 -7.39 -10.64
C MET B 50 37.66 -8.11 -10.60
N GLY B 51 38.39 -8.05 -11.70
CA GLY B 51 39.72 -8.62 -11.78
C GLY B 51 40.61 -8.07 -10.70
N ARG B 52 40.73 -6.75 -10.64
CA ARG B 52 41.58 -6.12 -9.64
C ARG B 52 41.19 -6.58 -8.24
N LEU B 53 39.89 -6.56 -7.95
CA LEU B 53 39.40 -6.92 -6.63
C LEU B 53 39.80 -8.32 -6.22
N LEU B 54 39.58 -9.29 -7.12
CA LEU B 54 39.91 -10.68 -6.83
C LEU B 54 41.42 -10.90 -6.78
N TYR B 55 42.15 -10.16 -7.60
CA TYR B 55 43.61 -10.20 -7.58
C TYR B 55 44.14 -9.74 -6.23
N ASP B 56 43.64 -8.61 -5.75
CA ASP B 56 43.98 -8.13 -4.42
C ASP B 56 43.56 -9.10 -3.34
N LEU B 57 42.66 -10.01 -3.69
CA LEU B 57 42.25 -11.04 -2.73
C LEU B 57 43.15 -12.27 -2.80
N ASN B 58 44.03 -12.31 -3.79
CA ASN B 58 44.86 -13.50 -4.07
C ASN B 58 44.04 -14.68 -4.57
N ILE B 59 42.86 -14.37 -5.11
CA ILE B 59 42.03 -15.37 -5.74
C ILE B 59 42.36 -15.44 -7.22
N VAL B 60 42.98 -14.39 -7.74
CA VAL B 60 43.34 -14.33 -9.15
C VAL B 60 44.84 -14.08 -9.36
N ASN B 61 45.43 -14.77 -10.32
CA ASN B 61 46.85 -14.63 -10.66
C ASN B 61 47.22 -13.28 -11.23
N GLN B 62 48.51 -12.99 -11.19
CA GLN B 62 49.06 -11.88 -11.94
C GLN B 62 48.80 -12.12 -13.42
N SER B 63 49.11 -13.33 -13.87
CA SER B 63 48.91 -13.69 -15.27
C SER B 63 47.45 -13.60 -15.65
N GLN B 64 46.60 -14.21 -14.83
CA GLN B 64 45.16 -14.15 -15.03
C GLN B 64 44.69 -12.70 -15.18
N LEU B 65 45.17 -11.83 -14.29
CA LEU B 65 44.81 -10.43 -14.35
C LEU B 65 45.30 -9.82 -15.67
N ARG B 66 46.60 -9.94 -15.92
CA ARG B 66 47.20 -9.38 -17.12
C ARG B 66 46.43 -9.83 -18.36
N LYS B 67 45.86 -11.03 -18.27
CA LYS B 67 45.05 -11.59 -19.35
C LYS B 67 43.85 -10.69 -19.61
N LEU B 68 42.97 -10.60 -18.62
CA LEU B 68 41.78 -9.75 -18.71
C LEU B 68 42.12 -8.32 -19.12
N GLN B 69 43.37 -7.92 -18.90
CA GLN B 69 43.79 -6.55 -19.22
C GLN B 69 43.79 -6.28 -20.73
N ARG B 70 42.90 -6.95 -21.45
CA ARG B 70 42.73 -6.70 -22.88
C ARG B 70 41.61 -5.69 -23.16
N ARG B 95 26.05 -26.98 -11.62
CA ARG B 95 25.81 -28.40 -11.39
C ARG B 95 24.37 -28.81 -11.67
N GLY B 96 23.42 -28.15 -11.01
CA GLY B 96 22.02 -28.45 -11.22
C GLY B 96 21.68 -28.47 -12.70
N VAL B 97 20.72 -29.30 -13.10
CA VAL B 97 20.36 -29.40 -14.50
C VAL B 97 20.05 -28.01 -15.05
N THR B 98 19.36 -27.21 -14.24
CA THR B 98 19.12 -25.82 -14.61
C THR B 98 19.87 -24.90 -13.63
N VAL B 99 20.75 -24.05 -14.17
CA VAL B 99 21.44 -23.07 -13.36
C VAL B 99 20.73 -21.75 -13.57
N SER B 100 20.48 -21.03 -12.50
CA SER B 100 19.74 -19.78 -12.61
C SER B 100 20.62 -18.59 -12.27
N ILE B 101 21.53 -18.76 -11.32
CA ILE B 101 22.48 -17.70 -10.99
C ILE B 101 23.85 -18.26 -10.59
N CYS B 102 24.87 -17.43 -10.73
CA CYS B 102 26.21 -17.80 -10.29
C CYS B 102 26.60 -16.96 -9.10
N THR B 103 27.29 -17.58 -8.15
CA THR B 103 27.78 -16.86 -7.00
C THR B 103 29.27 -17.06 -6.86
N SER B 104 29.89 -16.27 -5.98
CA SER B 104 31.31 -16.36 -5.74
C SER B 104 31.55 -15.80 -4.35
N HIS B 105 32.13 -16.63 -3.48
CA HIS B 105 32.33 -16.22 -2.11
C HIS B 105 33.77 -15.78 -1.86
N PHE B 106 33.92 -14.77 -1.01
CA PHE B 106 35.24 -14.35 -0.58
C PHE B 106 35.14 -13.62 0.74
N SER B 107 36.26 -13.51 1.43
CA SER B 107 36.27 -12.86 2.73
C SER B 107 37.41 -11.87 2.86
N THR B 108 37.27 -10.98 3.83
CA THR B 108 38.39 -10.23 4.37
C THR B 108 38.39 -10.61 5.83
N HIS B 109 39.30 -10.05 6.63
CA HIS B 109 39.29 -10.39 8.05
C HIS B 109 38.08 -9.72 8.70
N ARG B 110 37.46 -8.79 7.99
CA ARG B 110 36.33 -8.06 8.54
C ARG B 110 34.95 -8.60 8.15
N ALA B 111 34.82 -9.16 6.95
CA ALA B 111 33.50 -9.52 6.44
C ALA B 111 33.50 -10.61 5.39
N ASN B 112 32.33 -11.19 5.16
CA ASN B 112 32.11 -12.17 4.10
C ASN B 112 31.26 -11.60 2.98
N PHE B 113 31.57 -12.00 1.76
CA PHE B 113 30.92 -11.42 0.60
C PHE B 113 30.53 -12.47 -0.41
N THR B 114 29.56 -12.10 -1.24
CA THR B 114 29.10 -12.96 -2.30
C THR B 114 28.79 -12.10 -3.49
N ILE B 115 29.47 -12.34 -4.60
CA ILE B 115 29.12 -11.69 -5.85
C ILE B 115 28.07 -12.56 -6.48
N VAL B 116 26.96 -11.96 -6.90
CA VAL B 116 25.97 -12.68 -7.66
C VAL B 116 26.00 -12.18 -9.07
N ASP B 117 25.83 -13.11 -10.00
CA ASP B 117 25.74 -12.80 -11.40
C ASP B 117 24.82 -13.88 -11.96
N ALA B 118 24.32 -13.68 -13.16
CA ALA B 118 23.50 -14.70 -13.81
C ALA B 118 24.36 -15.46 -14.81
N PRO B 119 23.87 -16.61 -15.29
CA PRO B 119 24.52 -17.43 -16.33
C PRO B 119 25.42 -16.62 -17.26
N GLY B 120 24.96 -15.45 -17.70
CA GLY B 120 25.81 -14.56 -18.46
C GLY B 120 25.60 -14.68 -19.95
N HIS B 121 25.25 -15.88 -20.40
CA HIS B 121 24.92 -16.09 -21.80
C HIS B 121 23.51 -15.61 -22.08
N ARG B 122 22.91 -14.95 -21.09
CA ARG B 122 21.56 -14.44 -21.23
C ARG B 122 21.54 -12.94 -21.50
N ASP B 123 20.37 -12.42 -21.90
CA ASP B 123 20.27 -11.05 -22.34
C ASP B 123 20.27 -10.04 -21.21
N PHE B 124 20.66 -8.81 -21.55
CA PHE B 124 20.85 -7.78 -20.56
C PHE B 124 19.81 -7.85 -19.45
N VAL B 125 18.53 -7.84 -19.83
CA VAL B 125 17.46 -7.73 -18.85
C VAL B 125 17.28 -8.99 -17.98
N PRO B 126 16.89 -10.12 -18.60
CA PRO B 126 16.69 -11.33 -17.79
C PRO B 126 17.93 -11.67 -16.97
N ASN B 127 19.10 -11.56 -17.56
CA ASN B 127 20.36 -11.73 -16.84
C ASN B 127 20.37 -10.83 -15.63
N ALA B 128 20.16 -9.55 -15.86
CA ALA B 128 20.21 -8.56 -14.80
C ALA B 128 19.16 -8.82 -13.72
N ILE B 129 17.94 -9.12 -14.13
CA ILE B 129 16.85 -9.30 -13.18
C ILE B 129 17.15 -10.44 -12.22
N MET B 130 17.56 -11.57 -12.77
CA MET B 130 17.88 -12.72 -11.93
C MET B 130 18.90 -12.35 -10.87
N GLY B 131 20.01 -11.76 -11.30
CA GLY B 131 21.09 -11.45 -10.38
C GLY B 131 20.71 -10.39 -9.39
N ILE B 132 20.07 -9.33 -9.86
CA ILE B 132 19.66 -8.27 -8.96
C ILE B 132 18.74 -8.82 -7.89
N SER B 133 17.84 -9.72 -8.29
CA SER B 133 16.79 -10.19 -7.38
C SER B 133 17.32 -10.92 -6.16
N GLN B 134 18.58 -11.35 -6.22
CA GLN B 134 19.16 -12.13 -5.13
C GLN B 134 20.31 -11.43 -4.39
N ALA B 135 20.50 -10.14 -4.65
CA ALA B 135 21.59 -9.42 -4.00
C ALA B 135 21.11 -8.33 -3.08
N ASP B 136 21.81 -8.17 -1.96
CA ASP B 136 21.53 -7.11 -0.99
C ASP B 136 21.56 -5.73 -1.64
N MET B 137 22.59 -5.49 -2.46
CA MET B 137 22.82 -4.18 -3.05
C MET B 137 23.58 -4.26 -4.36
N ALA B 138 23.79 -3.12 -5.00
CA ALA B 138 24.53 -3.10 -6.26
C ALA B 138 25.68 -2.11 -6.28
N ILE B 139 26.69 -2.47 -7.06
CA ILE B 139 27.74 -1.54 -7.41
C ILE B 139 27.49 -1.11 -8.83
N LEU B 140 27.48 0.19 -9.06
CA LEU B 140 27.34 0.69 -10.41
C LEU B 140 28.67 1.20 -10.90
N CYS B 141 29.17 0.59 -11.97
CA CYS B 141 30.40 1.02 -12.59
C CYS B 141 30.11 2.12 -13.58
N VAL B 142 30.80 3.23 -13.44
CA VAL B 142 30.67 4.34 -14.37
C VAL B 142 32.03 4.72 -14.93
N ASP B 143 32.15 4.72 -16.25
CA ASP B 143 33.36 5.17 -16.90
C ASP B 143 33.39 6.69 -16.88
N CYS B 144 34.50 7.25 -16.39
CA CYS B 144 34.63 8.71 -16.25
C CYS B 144 35.41 9.34 -17.41
N SER B 145 35.86 8.52 -18.36
CA SER B 145 36.67 9.00 -19.48
C SER B 145 35.97 10.06 -20.32
N THR B 146 36.77 11.01 -20.81
CA THR B 146 36.30 12.12 -21.62
C THR B 146 35.35 11.68 -22.73
N GLY B 152 29.22 16.86 -22.05
CA GLY B 152 29.52 16.52 -20.66
C GLY B 152 29.51 15.03 -20.42
N PHE B 153 28.57 14.57 -19.59
CA PHE B 153 28.45 13.15 -19.28
C PHE B 153 27.14 12.56 -19.81
N ASP B 154 27.27 11.64 -20.75
CA ASP B 154 26.10 10.95 -21.29
C ASP B 154 25.77 9.73 -20.44
N LEU B 155 24.57 9.75 -19.86
CA LEU B 155 24.08 8.62 -19.12
C LEU B 155 23.55 7.58 -20.10
N ASP B 156 24.27 6.47 -20.24
CA ASP B 156 23.95 5.48 -21.26
C ASP B 156 22.66 4.70 -21.01
N GLY B 157 22.18 4.04 -22.05
CA GLY B 157 20.92 3.32 -21.99
C GLY B 157 20.91 2.19 -20.98
N GLN B 158 21.91 1.32 -21.05
CA GLN B 158 21.93 0.14 -20.19
C GLN B 158 22.22 0.47 -18.73
N THR B 159 23.10 1.43 -18.49
CA THR B 159 23.28 1.94 -17.14
C THR B 159 21.92 2.35 -16.59
N LYS B 160 21.05 2.85 -17.45
CA LYS B 160 19.74 3.35 -17.02
C LYS B 160 18.71 2.24 -16.82
N GLU B 161 18.70 1.24 -17.70
CA GLU B 161 17.87 0.08 -17.46
C GLU B 161 18.27 -0.57 -16.15
N HIS B 162 19.57 -0.81 -15.98
CA HIS B 162 20.11 -1.48 -14.80
C HIS B 162 19.66 -0.84 -13.50
N MET B 163 19.74 0.47 -13.44
CA MET B 163 19.39 1.17 -12.23
C MET B 163 17.89 1.14 -11.99
N LEU B 164 17.14 1.22 -13.08
CA LEU B 164 15.68 1.14 -13.01
C LEU B 164 15.20 -0.22 -12.49
N LEU B 165 15.80 -1.29 -12.99
CA LEU B 165 15.49 -2.62 -12.51
C LEU B 165 15.88 -2.77 -11.05
N ALA B 166 17.07 -2.30 -10.72
CA ALA B 166 17.59 -2.42 -9.37
C ALA B 166 16.61 -1.86 -8.34
N SER B 167 16.15 -0.62 -8.53
CA SER B 167 15.24 -0.04 -7.56
C SER B 167 13.86 -0.70 -7.60
N SER B 168 13.41 -1.08 -8.80
CA SER B 168 12.12 -1.75 -8.95
C SER B 168 12.11 -3.05 -8.15
N LEU B 169 13.20 -3.81 -8.24
CA LEU B 169 13.27 -5.06 -7.53
C LEU B 169 13.70 -4.87 -6.08
N GLY B 170 13.73 -3.63 -5.62
CA GLY B 170 13.86 -3.36 -4.20
C GLY B 170 15.23 -3.16 -3.63
N ILE B 171 16.24 -2.97 -4.48
CA ILE B 171 17.57 -2.61 -3.99
C ILE B 171 17.58 -1.15 -3.57
N HIS B 172 18.07 -0.88 -2.36
CA HIS B 172 18.07 0.48 -1.81
C HIS B 172 19.46 1.10 -1.72
N ASN B 173 20.48 0.27 -1.54
CA ASN B 173 21.83 0.78 -1.42
C ASN B 173 22.64 0.62 -2.70
N LEU B 174 23.41 1.65 -3.01
CA LEU B 174 24.26 1.65 -4.17
C LEU B 174 25.64 2.10 -3.79
N ILE B 175 26.63 1.50 -4.44
CA ILE B 175 27.97 2.03 -4.43
C ILE B 175 28.26 2.39 -5.87
N ILE B 176 28.53 3.66 -6.11
CA ILE B 176 28.92 4.10 -7.43
C ILE B 176 30.42 4.00 -7.55
N ALA B 177 30.89 3.06 -8.36
CA ALA B 177 32.32 2.93 -8.61
C ALA B 177 32.66 3.84 -9.77
N MET B 178 33.18 5.01 -9.44
CA MET B 178 33.51 6.03 -10.43
C MET B 178 34.83 5.65 -11.08
N ASN B 179 34.75 4.90 -12.17
CA ASN B 179 35.92 4.19 -12.68
C ASN B 179 36.74 4.92 -13.72
N LYS B 180 37.99 4.48 -13.87
CA LYS B 180 38.89 4.99 -14.88
C LYS B 180 39.19 6.47 -14.67
N MET B 181 39.51 6.83 -13.43
CA MET B 181 39.84 8.20 -13.09
C MET B 181 41.20 8.63 -13.69
N ASP B 182 42.10 7.67 -13.87
CA ASP B 182 43.37 7.92 -14.56
C ASP B 182 43.18 8.63 -15.90
N ASN B 183 42.25 8.12 -16.71
CA ASN B 183 41.98 8.69 -18.03
C ASN B 183 41.41 10.09 -17.98
N VAL B 184 41.34 10.65 -16.77
CA VAL B 184 40.98 12.04 -16.60
C VAL B 184 41.84 12.61 -15.46
N ASP B 185 42.92 11.88 -15.18
CA ASP B 185 43.91 12.29 -14.18
C ASP B 185 43.27 12.69 -12.85
N TRP B 186 42.35 11.85 -12.40
CA TRP B 186 41.68 12.05 -11.11
C TRP B 186 41.10 13.45 -10.95
N SER B 187 40.48 13.95 -12.02
CA SER B 187 39.84 15.27 -11.97
C SER B 187 38.59 15.30 -11.09
N GLN B 188 38.69 15.98 -9.95
CA GLN B 188 37.56 16.13 -9.05
C GLN B 188 36.38 16.82 -9.71
N GLN B 189 36.67 17.56 -10.78
CA GLN B 189 35.62 18.27 -11.50
C GLN B 189 34.85 17.31 -12.40
N ARG B 190 35.57 16.41 -13.07
CA ARG B 190 34.96 15.33 -13.83
C ARG B 190 34.08 14.55 -12.87
N PHE B 191 34.73 13.98 -11.86
CA PHE B 191 34.05 13.29 -10.77
C PHE B 191 32.78 14.02 -10.34
N GLU B 192 32.89 15.31 -10.09
CA GLU B 192 31.74 16.03 -9.53
C GLU B 192 30.68 16.40 -10.57
N GLU B 193 31.07 16.50 -11.83
CA GLU B 193 30.09 16.82 -12.87
C GLU B 193 29.31 15.56 -13.22
N ILE B 194 29.97 14.41 -13.16
CA ILE B 194 29.31 13.15 -13.43
C ILE B 194 28.31 12.86 -12.30
N LYS B 195 28.68 13.20 -11.07
CA LYS B 195 27.80 12.98 -9.95
C LYS B 195 26.57 13.87 -10.03
N SER B 196 26.70 14.98 -10.74
CA SER B 196 25.62 15.96 -10.82
C SER B 196 24.56 15.56 -11.84
N LYS B 197 24.94 14.74 -12.81
CA LYS B 197 23.97 14.22 -13.77
C LYS B 197 23.33 12.97 -13.20
N LEU B 198 24.16 12.16 -12.57
CA LEU B 198 23.77 10.82 -12.14
C LEU B 198 22.90 10.85 -10.88
N LEU B 199 23.36 11.56 -9.86
CA LEU B 199 22.62 11.62 -8.61
C LEU B 199 21.13 11.95 -8.81
N PRO B 200 20.83 13.06 -9.49
CA PRO B 200 19.42 13.45 -9.66
C PRO B 200 18.64 12.37 -10.40
N TYR B 201 19.33 11.61 -11.24
CA TYR B 201 18.68 10.54 -11.97
C TYR B 201 18.33 9.38 -11.04
N LEU B 202 19.30 8.98 -10.23
CA LEU B 202 19.09 7.90 -9.27
C LEU B 202 17.92 8.26 -8.34
N VAL B 203 17.90 9.51 -7.89
CA VAL B 203 16.82 10.03 -7.04
C VAL B 203 15.45 10.01 -7.71
N ASP B 204 15.37 10.53 -8.93
CA ASP B 204 14.11 10.56 -9.65
C ASP B 204 13.54 9.16 -9.80
N ILE B 205 14.39 8.18 -9.60
CA ILE B 205 14.08 6.81 -9.96
C ILE B 205 13.71 5.97 -8.74
N GLY B 206 14.02 6.47 -7.55
CA GLY B 206 13.62 5.79 -6.33
C GLY B 206 14.63 5.77 -5.19
N PHE B 207 15.88 6.10 -5.49
CA PHE B 207 16.93 6.02 -4.48
C PHE B 207 16.98 7.25 -3.59
N PHE B 208 17.78 7.15 -2.53
CA PHE B 208 18.00 8.28 -1.64
C PHE B 208 19.48 8.61 -1.55
N GLU B 209 19.78 9.90 -1.65
CA GLU B 209 21.13 10.39 -1.54
C GLU B 209 21.89 9.61 -0.48
N ASP B 210 21.24 9.40 0.66
CA ASP B 210 21.92 8.84 1.84
C ASP B 210 22.27 7.36 1.73
N ASN B 211 21.71 6.67 0.75
CA ASN B 211 22.00 5.26 0.55
C ASN B 211 22.94 5.05 -0.62
N ILE B 212 23.59 6.13 -1.06
CA ILE B 212 24.52 6.05 -2.18
C ILE B 212 25.90 6.51 -1.77
N ASN B 213 26.92 5.77 -2.19
CA ASN B 213 28.31 6.12 -1.91
C ASN B 213 29.08 6.22 -3.19
N TRP B 214 29.92 7.24 -3.30
CA TRP B 214 30.68 7.51 -4.53
C TRP B 214 32.16 7.31 -4.29
N VAL B 215 32.78 6.47 -5.10
CA VAL B 215 34.16 6.09 -4.88
C VAL B 215 34.98 6.13 -6.16
N PRO B 216 36.02 6.97 -6.17
CA PRO B 216 36.92 7.04 -7.32
C PRO B 216 37.81 5.81 -7.33
N ILE B 217 37.94 5.17 -8.48
CA ILE B 217 38.84 4.04 -8.58
C ILE B 217 39.56 4.09 -9.92
N SER B 218 40.69 3.41 -10.00
CA SER B 218 41.46 3.35 -11.23
C SER B 218 41.33 1.97 -11.86
N GLY B 219 41.01 1.97 -13.15
CA GLY B 219 40.93 0.74 -13.91
C GLY B 219 42.25 0.01 -13.90
N PHE B 220 43.26 0.65 -14.48
CA PHE B 220 44.54 0.01 -14.73
C PHE B 220 45.33 -0.31 -13.46
N SER B 221 45.37 0.65 -12.55
CA SER B 221 46.28 0.59 -11.41
C SER B 221 45.70 -0.10 -10.18
N GLY B 222 44.39 -0.05 -10.04
CA GLY B 222 43.76 -0.61 -8.85
C GLY B 222 43.83 0.36 -7.69
N GLU B 223 44.08 1.64 -7.99
CA GLU B 223 44.08 2.68 -6.97
C GLU B 223 42.66 2.88 -6.47
N GLY B 224 42.49 2.71 -5.16
CA GLY B 224 41.19 2.91 -4.55
C GLY B 224 40.35 1.66 -4.47
N VAL B 225 40.83 0.56 -5.04
CA VAL B 225 40.07 -0.69 -5.03
C VAL B 225 40.15 -1.38 -3.66
N TYR B 226 41.31 -1.94 -3.35
CA TYR B 226 41.50 -2.58 -2.06
C TYR B 226 42.89 -2.31 -1.47
N LYS B 227 43.91 -2.95 -2.03
CA LYS B 227 45.25 -2.92 -1.45
C LYS B 227 46.14 -1.77 -1.93
N ILE B 228 45.87 -1.25 -3.13
CA ILE B 228 46.62 -0.08 -3.59
C ILE B 228 45.90 1.21 -3.21
N GLU B 229 46.47 1.90 -2.21
CA GLU B 229 45.84 3.05 -1.58
C GLU B 229 45.93 4.32 -2.41
N TYR B 230 45.01 5.24 -2.15
CA TYR B 230 44.95 6.50 -2.88
C TYR B 230 46.24 7.29 -2.73
N THR B 231 46.69 7.88 -3.83
CA THR B 231 47.82 8.78 -3.79
C THR B 231 47.49 9.92 -2.85
N ASP B 232 48.51 10.54 -2.27
CA ASP B 232 48.25 11.67 -1.40
C ASP B 232 47.71 12.84 -2.22
N GLU B 233 48.00 12.81 -3.51
CA GLU B 233 47.43 13.79 -4.44
C GLU B 233 45.91 13.66 -4.50
N VAL B 234 45.41 12.44 -4.56
CA VAL B 234 43.97 12.23 -4.62
C VAL B 234 43.43 12.47 -3.23
N ARG B 235 44.20 12.06 -2.23
CA ARG B 235 43.79 12.18 -0.84
C ARG B 235 43.46 13.61 -0.41
N GLN B 236 43.96 14.61 -1.14
CA GLN B 236 43.63 15.98 -0.77
C GLN B 236 42.18 16.34 -1.09
N TRP B 237 41.66 15.87 -2.22
CA TRP B 237 40.24 16.07 -2.51
C TRP B 237 39.35 14.88 -2.15
N TYR B 238 39.85 13.66 -2.29
CA TYR B 238 39.04 12.50 -1.90
C TYR B 238 39.32 12.00 -0.50
N ASN B 239 38.30 12.08 0.33
CA ASN B 239 38.39 11.92 1.76
C ASN B 239 38.02 10.50 2.21
N GLY B 240 37.06 9.91 1.49
CA GLY B 240 36.38 8.71 1.92
C GLY B 240 37.08 7.37 1.81
N PRO B 241 36.38 6.31 2.25
CA PRO B 241 36.86 4.92 2.25
C PRO B 241 37.04 4.48 0.81
N ASN B 242 37.97 3.56 0.56
CA ASN B 242 38.07 2.97 -0.78
C ASN B 242 36.96 1.94 -0.99
N LEU B 243 37.02 1.22 -2.11
CA LEU B 243 35.92 0.34 -2.48
C LEU B 243 35.67 -0.74 -1.43
N MET B 244 36.73 -1.46 -1.07
CA MET B 244 36.59 -2.55 -0.13
C MET B 244 36.06 -2.11 1.23
N SER B 245 36.53 -0.97 1.73
CA SER B 245 36.03 -0.47 3.01
C SER B 245 34.57 -0.12 2.90
N THR B 246 34.19 0.51 1.79
CA THR B 246 32.80 0.86 1.58
C THR B 246 31.95 -0.40 1.62
N LEU B 247 32.35 -1.42 0.87
CA LEU B 247 31.69 -2.72 0.91
C LEU B 247 31.60 -3.25 2.33
N GLU B 248 32.71 -3.23 3.04
CA GLU B 248 32.73 -3.73 4.42
C GLU B 248 31.79 -2.92 5.30
N ASN B 249 31.71 -1.63 5.05
CA ASN B 249 30.84 -0.77 5.83
C ASN B 249 29.41 -1.19 5.56
N ALA B 250 29.12 -1.42 4.29
CA ALA B 250 27.81 -1.88 3.85
C ALA B 250 27.41 -3.18 4.55
N ALA B 251 28.32 -4.16 4.59
CA ALA B 251 28.03 -5.44 5.23
C ALA B 251 27.71 -5.29 6.71
N PHE B 252 28.37 -4.37 7.39
CA PHE B 252 28.14 -4.22 8.82
C PHE B 252 26.75 -3.70 9.15
N LYS B 253 26.27 -2.72 8.37
CA LYS B 253 24.90 -2.24 8.52
C LYS B 253 23.90 -3.40 8.47
N ILE B 254 24.08 -4.29 7.49
CA ILE B 254 23.23 -5.47 7.37
C ILE B 254 23.30 -6.31 8.64
N SER B 255 24.52 -6.72 8.98
CA SER B 255 24.74 -7.54 10.17
C SER B 255 24.02 -6.96 11.39
N LYS B 256 23.73 -5.66 11.36
CA LYS B 256 23.14 -4.99 12.51
C LYS B 256 21.69 -5.37 12.71
N GLU B 257 20.92 -5.31 11.62
CA GLU B 257 19.52 -5.69 11.66
C GLU B 257 19.34 -7.11 12.19
N ASN B 258 20.07 -8.05 11.60
CA ASN B 258 19.96 -9.46 11.96
C ASN B 258 20.14 -9.78 13.43
N GLU B 259 20.62 -8.81 14.21
CA GLU B 259 20.88 -9.07 15.62
C GLU B 259 19.60 -9.20 16.43
N GLY B 260 18.49 -8.71 15.87
CA GLY B 260 17.20 -8.88 16.50
C GLY B 260 16.61 -10.26 16.25
N ILE B 261 17.11 -10.95 15.22
CA ILE B 261 16.49 -12.19 14.75
C ILE B 261 16.11 -13.16 15.86
N ASN B 262 14.87 -13.65 15.76
CA ASN B 262 14.28 -14.50 16.78
C ASN B 262 13.92 -15.88 16.30
N LYS B 263 13.44 -16.69 17.24
CA LYS B 263 12.82 -17.94 16.90
C LYS B 263 11.39 -17.59 16.51
N ASP B 264 11.03 -16.32 16.69
CA ASP B 264 9.70 -15.86 16.30
C ASP B 264 9.71 -15.38 14.87
N ASP B 265 10.91 -15.10 14.35
CA ASP B 265 11.02 -14.65 12.96
C ASP B 265 10.84 -15.82 12.01
N PRO B 266 9.98 -15.65 11.01
CA PRO B 266 9.72 -16.72 10.05
C PRO B 266 10.97 -17.00 9.23
N PHE B 267 11.17 -18.27 8.90
CA PHE B 267 12.21 -18.69 7.98
C PHE B 267 11.67 -18.57 6.56
N LEU B 268 12.45 -17.93 5.68
CA LEU B 268 12.14 -17.85 4.26
C LEU B 268 13.39 -18.11 3.45
N PHE B 269 13.26 -18.90 2.40
CA PHE B 269 14.41 -19.37 1.67
C PHE B 269 14.08 -19.50 0.18
N SER B 270 14.86 -18.83 -0.66
CA SER B 270 14.68 -18.97 -2.10
C SER B 270 15.50 -20.11 -2.68
N VAL B 271 14.84 -21.03 -3.36
CA VAL B 271 15.56 -22.14 -4.00
C VAL B 271 16.22 -21.66 -5.28
N LEU B 272 17.53 -21.85 -5.37
CA LEU B 272 18.26 -21.35 -6.53
C LEU B 272 18.84 -22.49 -7.37
N GLU B 273 19.11 -23.61 -6.73
CA GLU B 273 19.56 -24.80 -7.43
C GLU B 273 19.27 -26.07 -6.66
N ILE B 274 18.94 -27.12 -7.41
CA ILE B 274 18.91 -28.47 -6.87
C ILE B 274 20.09 -29.26 -7.43
N ILE B 275 21.06 -29.56 -6.56
CA ILE B 275 22.23 -30.35 -6.95
C ILE B 275 21.88 -31.83 -7.04
N PRO B 276 22.05 -32.41 -8.23
CA PRO B 276 21.67 -33.81 -8.52
C PRO B 276 22.41 -34.82 -7.65
N SER B 277 21.67 -35.47 -6.75
CA SER B 277 22.19 -36.62 -6.01
C SER B 277 21.60 -37.91 -6.58
N LYS B 278 21.80 -39.03 -5.89
CA LYS B 278 21.46 -40.32 -6.50
C LYS B 278 20.93 -41.40 -5.56
N LYS B 279 20.05 -42.23 -6.11
CA LYS B 279 19.66 -43.53 -5.54
C LYS B 279 19.47 -43.59 -4.02
N THR B 280 19.01 -42.49 -3.43
CA THR B 280 18.85 -42.47 -1.97
C THR B 280 17.54 -43.11 -1.53
N SER B 281 17.63 -43.97 -0.52
CA SER B 281 16.46 -44.62 0.04
C SER B 281 15.94 -43.78 1.19
N ASN B 282 16.66 -42.72 1.52
CA ASN B 282 16.26 -41.82 2.60
C ASN B 282 15.58 -40.56 2.06
N ASP B 283 15.56 -40.45 0.73
CA ASP B 283 14.99 -39.31 0.02
C ASP B 283 15.75 -38.01 0.30
N LEU B 284 17.07 -38.12 0.35
CA LEU B 284 17.92 -36.97 0.50
C LEU B 284 17.85 -36.10 -0.75
N ALA B 285 18.31 -34.86 -0.62
CA ALA B 285 18.38 -33.93 -1.74
C ALA B 285 19.21 -32.72 -1.34
N LEU B 286 19.86 -32.11 -2.32
CA LEU B 286 20.71 -30.95 -2.08
C LEU B 286 20.10 -29.71 -2.69
N VAL B 287 19.69 -28.79 -1.83
CA VAL B 287 19.00 -27.59 -2.27
C VAL B 287 19.78 -26.34 -1.88
N SER B 288 20.29 -25.65 -2.89
CA SER B 288 21.05 -24.42 -2.70
C SER B 288 20.13 -23.20 -2.80
N GLY B 289 20.31 -22.25 -1.89
CA GLY B 289 19.58 -21.02 -2.00
C GLY B 289 20.05 -19.90 -1.09
N LYS B 290 19.13 -18.98 -0.85
CA LYS B 290 19.43 -17.81 -0.06
C LYS B 290 18.34 -17.66 0.98
N LEU B 291 18.73 -17.47 2.24
CA LEU B 291 17.78 -17.09 3.28
C LEU B 291 17.34 -15.66 3.09
N GLU B 292 16.03 -15.46 3.08
CA GLU B 292 15.47 -14.14 2.92
C GLU B 292 14.92 -13.63 4.24
N SER B 293 14.82 -14.54 5.21
CA SER B 293 14.24 -14.19 6.50
C SER B 293 14.57 -15.24 7.55
N GLY B 294 14.70 -14.79 8.80
CA GLY B 294 14.89 -15.70 9.93
C GLY B 294 16.17 -16.49 9.95
N SER B 295 16.11 -17.69 10.51
CA SER B 295 17.24 -18.61 10.57
C SER B 295 16.82 -20.08 10.44
N ILE B 296 17.81 -20.95 10.30
CA ILE B 296 17.57 -22.39 10.18
C ILE B 296 18.72 -23.20 10.79
N GLN B 297 18.38 -24.30 11.44
CA GLN B 297 19.38 -25.16 12.10
C GLN B 297 19.05 -26.59 11.71
N PRO B 298 20.08 -27.45 11.64
CA PRO B 298 19.79 -28.87 11.35
C PRO B 298 18.85 -29.43 12.42
N GLY B 299 17.87 -30.20 12.00
CA GLY B 299 16.86 -30.73 12.90
C GLY B 299 15.50 -30.10 12.64
N GLU B 300 15.51 -28.82 12.31
CA GLU B 300 14.29 -28.08 12.02
C GLU B 300 13.73 -28.56 10.69
N SER B 301 12.44 -28.28 10.47
CA SER B 301 11.79 -28.65 9.22
C SER B 301 11.42 -27.40 8.45
N LEU B 302 11.07 -27.56 7.17
CA LEU B 302 10.57 -26.48 6.34
C LEU B 302 9.54 -27.06 5.38
N THR B 303 8.76 -26.19 4.73
CA THR B 303 7.85 -26.64 3.70
C THR B 303 8.19 -25.92 2.42
N ILE B 304 8.25 -26.66 1.32
CA ILE B 304 8.57 -26.07 0.03
C ILE B 304 7.33 -25.92 -0.85
N TYR B 305 7.14 -24.71 -1.36
CA TYR B 305 6.01 -24.39 -2.22
C TYR B 305 6.52 -24.28 -3.66
N PRO B 306 5.69 -24.64 -4.66
CA PRO B 306 4.28 -25.01 -4.64
C PRO B 306 3.97 -26.48 -4.34
N SER B 307 4.98 -27.33 -4.24
CA SER B 307 4.71 -28.77 -4.05
C SER B 307 4.07 -29.03 -2.69
N GLU B 308 4.33 -28.13 -1.75
CA GLU B 308 3.83 -28.25 -0.38
C GLU B 308 4.37 -29.45 0.38
N GLN B 309 5.59 -29.87 0.03
CA GLN B 309 6.25 -30.93 0.78
C GLN B 309 7.00 -30.36 1.98
N SER B 310 6.85 -31.00 3.13
CA SER B 310 7.64 -30.65 4.31
C SER B 310 8.84 -31.56 4.38
N CYS B 311 9.98 -31.01 4.76
CA CYS B 311 11.23 -31.75 4.78
C CYS B 311 11.98 -31.40 6.04
N ILE B 312 13.00 -32.19 6.33
CA ILE B 312 13.84 -31.94 7.49
C ILE B 312 15.25 -31.65 7.01
N VAL B 313 15.86 -30.60 7.56
CA VAL B 313 17.24 -30.32 7.24
C VAL B 313 18.12 -31.01 8.26
N ASP B 314 19.00 -31.90 7.79
CA ASP B 314 19.91 -32.53 8.74
C ASP B 314 21.36 -32.07 8.57
N LYS B 315 21.64 -31.34 7.49
CA LYS B 315 22.92 -30.62 7.36
C LYS B 315 22.81 -29.34 6.53
N ILE B 316 23.62 -28.34 6.91
CA ILE B 316 23.69 -27.06 6.20
C ILE B 316 25.10 -26.78 5.71
N GLN B 317 25.31 -26.81 4.40
CA GLN B 317 26.61 -26.52 3.82
C GLN B 317 26.70 -25.05 3.43
N VAL B 318 27.80 -24.41 3.83
CA VAL B 318 28.04 -23.03 3.47
C VAL B 318 29.35 -22.92 2.72
N GLY B 319 29.70 -21.71 2.31
CA GLY B 319 30.95 -21.46 1.62
C GLY B 319 30.95 -21.94 0.18
N SER B 320 32.08 -21.79 -0.50
CA SER B 320 32.21 -22.21 -1.88
C SER B 320 32.07 -23.74 -2.01
N GLN B 321 32.24 -24.43 -0.88
CA GLN B 321 32.20 -25.89 -0.87
C GLN B 321 30.80 -26.45 -1.08
N GLN B 322 29.79 -25.70 -0.64
CA GLN B 322 28.40 -26.14 -0.77
C GLN B 322 28.09 -26.64 -2.17
N HIS B 328 32.68 -29.65 2.57
CA HIS B 328 33.08 -30.09 3.90
C HIS B 328 32.67 -29.12 5.00
N GLU B 329 32.61 -27.84 4.68
CA GLU B 329 32.23 -26.83 5.66
C GLU B 329 30.73 -26.83 5.98
N GLU B 330 30.41 -26.97 7.26
CA GLU B 330 29.03 -27.13 7.70
C GLU B 330 28.75 -26.36 8.98
N THR B 331 27.88 -25.36 8.90
CA THR B 331 27.48 -24.60 10.08
C THR B 331 26.22 -25.18 10.72
N ASP B 332 26.04 -24.87 12.00
CA ASP B 332 24.89 -25.35 12.75
C ASP B 332 23.74 -24.35 12.67
N VAL B 333 24.03 -23.17 12.13
CA VAL B 333 23.02 -22.14 11.95
C VAL B 333 23.29 -21.34 10.70
N ALA B 334 22.25 -21.10 9.92
CA ALA B 334 22.31 -20.14 8.84
C ALA B 334 21.26 -19.07 9.12
N ILE B 335 21.52 -17.84 8.68
CA ILE B 335 20.54 -16.79 8.90
C ILE B 335 20.31 -15.94 7.67
N LYS B 336 19.29 -15.08 7.75
CA LYS B 336 18.94 -14.16 6.67
C LYS B 336 20.17 -13.61 5.95
N GLY B 337 20.12 -13.62 4.62
CA GLY B 337 21.23 -13.14 3.82
C GLY B 337 22.21 -14.21 3.37
N ASP B 338 22.31 -15.30 4.12
CA ASP B 338 23.27 -16.35 3.79
C ASP B 338 22.89 -17.10 2.52
N PHE B 339 23.88 -17.36 1.69
CA PHE B 339 23.76 -18.35 0.63
C PHE B 339 24.27 -19.67 1.20
N VAL B 340 23.38 -20.67 1.21
CA VAL B 340 23.72 -21.94 1.80
C VAL B 340 23.13 -23.09 1.02
N THR B 341 23.60 -24.30 1.31
CA THR B 341 23.04 -25.49 0.72
C THR B 341 22.46 -26.38 1.80
N LEU B 342 21.21 -26.77 1.61
CA LEU B 342 20.53 -27.56 2.60
C LEU B 342 20.52 -28.99 2.15
N LYS B 343 20.99 -29.87 3.04
CA LYS B 343 20.82 -31.30 2.82
C LYS B 343 19.48 -31.69 3.45
N LEU B 344 18.54 -32.08 2.60
CA LEU B 344 17.20 -32.39 3.09
C LEU B 344 16.88 -33.87 3.13
N ARG B 345 16.32 -34.31 4.25
CA ARG B 345 15.72 -35.63 4.34
C ARG B 345 14.27 -35.53 3.91
N LYS B 346 13.75 -36.62 3.33
CA LYS B 346 12.33 -36.69 3.01
C LYS B 346 11.94 -35.62 1.99
N ALA B 347 12.83 -35.39 1.03
CA ALA B 347 12.57 -34.38 0.00
C ALA B 347 12.40 -35.02 -1.36
N TYR B 348 11.59 -34.39 -2.20
CA TYR B 348 11.31 -34.93 -3.52
C TYR B 348 11.64 -33.91 -4.61
N PRO B 349 12.88 -33.95 -5.10
CA PRO B 349 13.49 -33.03 -6.08
C PRO B 349 12.71 -32.93 -7.38
N GLU B 350 12.01 -34.00 -7.74
CA GLU B 350 11.28 -33.98 -9.00
C GLU B 350 10.22 -32.90 -8.98
N ASP B 351 9.90 -32.41 -7.78
CA ASP B 351 8.93 -31.33 -7.63
C ASP B 351 9.51 -30.08 -6.97
N ILE B 352 10.83 -29.95 -7.00
CA ILE B 352 11.49 -28.74 -6.51
C ILE B 352 12.22 -28.07 -7.67
N GLN B 353 11.82 -26.85 -8.01
CA GLN B 353 12.46 -26.14 -9.13
C GLN B 353 13.06 -24.83 -8.67
N ASN B 354 14.01 -24.32 -9.45
CA ASN B 354 14.57 -23.00 -9.18
C ASN B 354 13.44 -21.98 -9.12
N GLY B 355 13.52 -21.07 -8.16
CA GLY B 355 12.47 -20.09 -8.00
C GLY B 355 11.43 -20.51 -6.97
N ASP B 356 11.53 -21.74 -6.48
CA ASP B 356 10.60 -22.21 -5.47
C ASP B 356 10.92 -21.58 -4.11
N LEU B 357 9.95 -21.61 -3.22
CA LEU B 357 10.04 -20.88 -1.98
C LEU B 357 9.84 -21.83 -0.81
N ALA B 358 10.74 -21.79 0.17
CA ALA B 358 10.57 -22.57 1.40
C ALA B 358 10.36 -21.67 2.62
N ALA B 359 9.64 -22.19 3.60
CA ALA B 359 9.33 -21.43 4.79
C ALA B 359 9.24 -22.30 6.03
N SER B 360 9.28 -21.65 7.19
CA SER B 360 8.85 -22.28 8.43
C SER B 360 7.57 -23.06 8.18
N VAL B 361 7.45 -24.23 8.81
CA VAL B 361 6.26 -25.07 8.62
C VAL B 361 4.97 -24.40 9.12
N ASP B 362 5.11 -23.48 10.06
CA ASP B 362 3.95 -22.80 10.64
C ASP B 362 3.69 -21.43 10.02
N TYR B 363 4.29 -21.19 8.85
CA TYR B 363 4.14 -19.92 8.15
C TYR B 363 3.24 -20.10 6.95
N SER B 364 2.20 -19.27 6.85
CA SER B 364 1.15 -19.53 5.88
C SER B 364 0.76 -18.34 4.98
N SER B 365 1.71 -17.45 4.72
CA SER B 365 1.44 -16.32 3.83
C SER B 365 1.79 -16.59 2.36
N ILE B 366 2.31 -17.77 2.07
CA ILE B 366 2.71 -18.10 0.71
C ILE B 366 1.55 -18.70 -0.06
N HIS B 367 1.31 -18.21 -1.26
CA HIS B 367 0.18 -18.69 -2.04
C HIS B 367 0.45 -18.83 -3.52
N SER B 368 -0.19 -19.82 -4.13
CA SER B 368 -0.22 -19.93 -5.59
C SER B 368 -1.51 -19.32 -6.11
N ALA B 369 -1.41 -18.49 -7.14
CA ALA B 369 -2.63 -17.90 -7.66
C ALA B 369 -2.50 -17.55 -9.13
N GLN B 370 -3.65 -17.51 -9.79
CA GLN B 370 -3.75 -17.08 -11.18
C GLN B 370 -3.85 -15.57 -11.23
N CYS B 371 -4.39 -14.98 -10.17
CA CYS B 371 -4.71 -13.56 -10.14
C CYS B 371 -4.28 -12.93 -8.83
N PHE B 372 -3.71 -11.73 -8.93
CA PHE B 372 -3.35 -10.98 -7.75
C PHE B 372 -3.38 -9.52 -8.11
N VAL B 373 -3.30 -8.65 -7.10
CA VAL B 373 -3.33 -7.23 -7.36
C VAL B 373 -1.92 -6.66 -7.28
N LEU B 374 -1.61 -5.76 -8.21
CA LEU B 374 -0.32 -5.07 -8.24
C LEU B 374 -0.47 -3.59 -7.93
N GLU B 375 0.40 -3.09 -7.06
CA GLU B 375 0.56 -1.66 -6.91
C GLU B 375 1.57 -1.30 -7.99
N LEU B 376 1.08 -0.72 -9.07
CA LEU B 376 1.85 -0.66 -10.29
C LEU B 376 2.35 0.76 -10.56
N THR B 377 3.63 0.85 -10.89
CA THR B 377 4.25 2.08 -11.39
C THR B 377 4.67 1.91 -12.84
N THR B 378 4.15 2.77 -13.69
CA THR B 378 4.40 2.62 -15.10
C THR B 378 5.50 3.59 -15.53
N PHE B 379 6.25 3.22 -16.55
CA PHE B 379 7.36 4.06 -17.02
C PHE B 379 6.98 4.69 -18.36
N ASP B 380 7.96 4.85 -19.23
CA ASP B 380 7.70 5.35 -20.57
C ASP B 380 7.33 4.20 -21.49
N MET B 381 6.04 4.09 -21.78
CA MET B 381 5.54 3.03 -22.63
C MET B 381 5.13 3.65 -23.95
N ASN B 382 5.12 2.85 -25.01
CA ASN B 382 4.68 3.38 -26.30
C ASN B 382 3.17 3.25 -26.48
N ARG B 383 2.59 2.27 -25.79
CA ARG B 383 1.14 2.11 -25.75
C ARG B 383 0.63 1.98 -24.32
N PRO B 384 -0.57 2.52 -24.05
CA PRO B 384 -1.19 2.43 -22.72
C PRO B 384 -1.67 1.01 -22.41
N LEU B 385 -1.75 0.68 -21.13
CA LEU B 385 -2.29 -0.59 -20.68
C LEU B 385 -3.83 -0.56 -20.70
N LEU B 386 -4.42 -1.63 -21.19
CA LEU B 386 -5.86 -1.79 -21.20
C LEU B 386 -6.24 -3.13 -20.57
N PRO B 387 -7.49 -3.27 -20.14
CA PRO B 387 -7.94 -4.62 -19.82
C PRO B 387 -7.55 -5.56 -20.95
N GLY B 388 -6.96 -6.70 -20.61
CA GLY B 388 -6.57 -7.68 -21.61
C GLY B 388 -5.19 -7.51 -22.25
N THR B 389 -4.48 -6.43 -21.93
CA THR B 389 -3.14 -6.24 -22.51
C THR B 389 -2.18 -7.26 -21.92
N PRO B 390 -1.60 -8.11 -22.78
CA PRO B 390 -0.69 -9.18 -22.35
C PRO B 390 0.70 -8.61 -22.16
N PHE B 391 1.48 -9.21 -21.26
CA PHE B 391 2.86 -8.82 -21.07
C PHE B 391 3.61 -9.99 -20.46
N ILE B 392 4.85 -9.74 -20.05
CA ILE B 392 5.64 -10.77 -19.39
C ILE B 392 6.00 -10.32 -17.99
N LEU B 393 5.70 -11.17 -17.02
CA LEU B 393 5.89 -10.85 -15.63
C LEU B 393 7.17 -11.50 -15.13
N PHE B 394 8.04 -10.68 -14.55
CA PHE B 394 9.30 -11.16 -14.00
C PHE B 394 9.26 -11.07 -12.48
N ILE B 395 9.40 -12.23 -11.84
CA ILE B 395 9.41 -12.25 -10.38
C ILE B 395 10.50 -13.19 -9.91
N GLY B 396 11.40 -12.68 -9.09
CA GLY B 396 12.54 -13.45 -8.62
C GLY B 396 13.36 -13.90 -9.81
N VAL B 397 13.60 -15.19 -9.90
CA VAL B 397 14.35 -15.75 -11.01
C VAL B 397 13.39 -16.38 -12.01
N LYS B 398 12.10 -16.14 -11.82
CA LYS B 398 11.08 -16.72 -12.68
C LYS B 398 10.51 -15.72 -13.69
N GLU B 399 9.82 -16.24 -14.69
CA GLU B 399 9.33 -15.43 -15.80
C GLU B 399 8.04 -16.06 -16.31
N GLN B 400 7.00 -15.25 -16.48
CA GLN B 400 5.68 -15.79 -16.78
C GLN B 400 4.85 -14.86 -17.65
N PRO B 401 4.29 -15.40 -18.74
CA PRO B 401 3.36 -14.59 -19.52
C PRO B 401 2.17 -14.24 -18.63
N ALA B 402 1.59 -13.07 -18.85
CA ALA B 402 0.41 -12.65 -18.09
C ALA B 402 -0.34 -11.54 -18.85
N ARG B 403 -1.44 -11.08 -18.28
CA ARG B 403 -2.17 -9.97 -18.86
C ARG B 403 -2.97 -9.19 -17.84
N ILE B 404 -3.28 -7.95 -18.17
CA ILE B 404 -4.13 -7.11 -17.34
C ILE B 404 -5.53 -7.69 -17.29
N LYS B 405 -6.00 -7.98 -16.10
CA LYS B 405 -7.38 -8.42 -15.93
C LYS B 405 -8.25 -7.19 -15.76
N ARG B 406 -7.97 -6.39 -14.72
CA ARG B 406 -8.70 -5.16 -14.49
C ARG B 406 -7.80 -3.95 -14.26
N LEU B 407 -8.28 -2.80 -14.66
CA LEU B 407 -7.73 -1.54 -14.21
C LEU B 407 -8.64 -1.12 -13.06
N ILE B 408 -8.09 -1.06 -11.85
CA ILE B 408 -8.90 -0.86 -10.65
C ILE B 408 -9.02 0.61 -10.26
N SER B 409 -7.90 1.26 -9.95
CA SER B 409 -7.95 2.65 -9.53
C SER B 409 -6.61 3.34 -9.74
N PHE B 410 -6.64 4.66 -9.94
CA PHE B 410 -5.42 5.45 -9.92
C PHE B 410 -4.96 5.64 -8.48
N ILE B 411 -3.66 5.82 -8.31
CA ILE B 411 -3.07 6.16 -7.02
C ILE B 411 -2.69 7.64 -7.06
N ASP B 412 -3.30 8.43 -6.18
CA ASP B 412 -3.03 9.87 -6.18
C ASP B 412 -1.92 10.25 -5.20
N LYS B 413 -2.23 10.29 -3.91
CA LYS B 413 -1.22 10.64 -2.94
C LYS B 413 -0.84 9.50 -1.99
N GLY B 414 0.43 9.13 -2.03
CA GLY B 414 0.94 8.02 -1.26
C GLY B 414 0.39 6.71 -1.78
N ASN B 415 -0.75 6.32 -1.22
CA ASN B 415 -1.36 5.04 -1.55
C ASN B 415 -2.84 5.19 -1.91
N THR B 416 -3.38 6.38 -1.68
CA THR B 416 -4.83 6.59 -1.78
C THR B 416 -5.43 6.34 -3.17
N ALA B 417 -6.53 5.60 -3.19
CA ALA B 417 -7.23 5.24 -4.42
C ALA B 417 -8.07 6.41 -4.92
N SER B 418 -7.64 7.00 -6.03
CA SER B 418 -8.30 8.14 -6.62
C SER B 418 -9.67 7.78 -7.18
N LYS B 419 -10.60 8.73 -7.12
CA LYS B 419 -11.94 8.56 -7.66
C LYS B 419 -12.00 8.80 -9.16
N LYS B 420 -10.89 9.26 -9.74
CA LYS B 420 -10.81 9.47 -11.19
C LYS B 420 -10.97 8.15 -11.92
N LYS B 421 -12.10 7.97 -12.59
CA LYS B 421 -12.33 6.73 -13.33
C LYS B 421 -11.16 6.41 -14.25
N ILE B 422 -10.76 5.14 -14.27
CA ILE B 422 -9.61 4.73 -15.07
C ILE B 422 -10.01 3.78 -16.20
N ARG B 423 -9.70 4.18 -17.44
CA ARG B 423 -10.11 3.42 -18.62
C ARG B 423 -8.90 2.81 -19.28
N HIS B 424 -7.76 3.47 -19.13
CA HIS B 424 -6.50 2.97 -19.63
C HIS B 424 -5.40 3.56 -18.76
N LEU B 425 -4.27 2.89 -18.74
CA LEU B 425 -3.15 3.28 -17.91
C LEU B 425 -1.99 3.73 -18.80
N GLY B 426 -1.71 5.03 -18.80
CA GLY B 426 -0.67 5.58 -19.65
C GLY B 426 0.68 5.63 -18.95
N SER B 427 1.63 6.31 -19.57
CA SER B 427 3.01 6.37 -19.07
C SER B 427 3.18 7.20 -17.80
N LYS B 428 4.23 6.89 -17.05
CA LYS B 428 4.53 7.60 -15.81
C LYS B 428 3.29 7.76 -14.93
N GLN B 429 2.61 6.66 -14.66
CA GLN B 429 1.46 6.68 -13.78
C GLN B 429 1.54 5.58 -12.72
N ARG B 430 0.77 5.76 -11.65
CA ARG B 430 0.67 4.78 -10.58
C ARG B 430 -0.77 4.32 -10.48
N ALA B 431 -0.98 3.03 -10.25
CA ALA B 431 -2.33 2.49 -10.20
C ALA B 431 -2.38 1.09 -9.62
N PHE B 432 -3.53 0.74 -9.06
CA PHE B 432 -3.79 -0.62 -8.64
C PHE B 432 -4.38 -1.39 -9.81
N VAL B 433 -3.81 -2.55 -10.09
CA VAL B 433 -4.22 -3.35 -11.23
C VAL B 433 -4.34 -4.80 -10.82
N GLU B 434 -5.25 -5.52 -11.47
CA GLU B 434 -5.39 -6.95 -11.26
C GLU B 434 -4.79 -7.67 -12.45
N ILE B 435 -3.90 -8.61 -12.17
CA ILE B 435 -3.15 -9.34 -13.17
C ILE B 435 -3.67 -10.76 -13.23
N GLU B 436 -3.66 -11.34 -14.42
CA GLU B 436 -3.98 -12.74 -14.56
C GLU B 436 -2.82 -13.42 -15.27
N LEU B 437 -2.35 -14.53 -14.70
CA LEU B 437 -1.33 -15.32 -15.36
C LEU B 437 -1.96 -16.13 -16.47
N ILE B 438 -1.29 -16.18 -17.62
CA ILE B 438 -1.75 -17.03 -18.70
C ILE B 438 -0.72 -18.11 -19.02
N GLU B 439 -1.16 -19.16 -19.72
CA GLU B 439 -0.29 -20.26 -20.15
C GLU B 439 0.53 -20.80 -19.01
N VAL B 440 -0.16 -21.22 -17.95
CA VAL B 440 0.48 -21.65 -16.73
C VAL B 440 0.79 -23.15 -16.71
N LYS B 441 2.06 -23.49 -16.82
CA LYS B 441 2.46 -24.89 -16.78
C LYS B 441 2.65 -25.37 -15.34
N ARG B 442 2.89 -24.43 -14.44
CA ARG B 442 3.22 -24.76 -13.06
C ARG B 442 3.03 -23.53 -12.19
N TRP B 443 2.44 -23.71 -11.01
CA TRP B 443 2.16 -22.59 -10.13
C TRP B 443 3.41 -21.88 -9.65
N ILE B 444 3.31 -20.56 -9.53
CA ILE B 444 4.35 -19.72 -8.96
C ILE B 444 3.98 -19.39 -7.53
N PRO B 445 4.83 -19.77 -6.58
CA PRO B 445 4.55 -19.37 -5.20
C PRO B 445 4.67 -17.84 -5.04
N LEU B 446 3.70 -17.23 -4.40
CA LEU B 446 3.63 -15.77 -4.30
C LEU B 446 3.63 -15.29 -2.86
N LEU B 447 4.24 -14.13 -2.64
CA LEU B 447 4.21 -13.48 -1.33
C LEU B 447 3.99 -11.99 -1.55
N THR B 448 3.12 -11.37 -0.76
CA THR B 448 2.83 -9.94 -0.91
C THR B 448 3.98 -9.09 -0.39
N ALA B 449 4.15 -7.92 -0.98
CA ALA B 449 5.24 -7.02 -0.59
C ALA B 449 5.15 -6.59 0.88
N HIS B 450 3.95 -6.55 1.46
CA HIS B 450 3.88 -6.16 2.86
C HIS B 450 4.40 -7.25 3.79
N GLU B 451 4.45 -8.49 3.30
CA GLU B 451 5.07 -9.57 4.07
C GLU B 451 6.60 -9.53 3.92
N ASN B 452 7.07 -9.23 2.71
CA ASN B 452 8.49 -9.17 2.41
C ASN B 452 8.70 -8.26 1.23
N ASP B 453 9.40 -7.15 1.46
CA ASP B 453 9.59 -6.12 0.44
C ASP B 453 10.25 -6.61 -0.84
N ARG B 454 11.28 -7.44 -0.72
CA ARG B 454 12.02 -7.91 -1.89
C ARG B 454 11.22 -8.95 -2.66
N LEU B 455 10.70 -9.94 -1.95
CA LEU B 455 9.97 -11.03 -2.57
C LEU B 455 8.68 -10.59 -3.25
N GLY B 456 8.05 -9.52 -2.76
CA GLY B 456 6.80 -9.06 -3.35
C GLY B 456 6.96 -8.07 -4.49
N ARG B 457 8.11 -8.10 -5.16
CA ARG B 457 8.39 -7.16 -6.23
C ARG B 457 8.34 -7.88 -7.56
N VAL B 458 7.76 -7.22 -8.56
CA VAL B 458 7.76 -7.79 -9.89
C VAL B 458 8.12 -6.71 -10.89
N VAL B 459 8.56 -7.16 -12.07
CA VAL B 459 8.81 -6.26 -13.19
C VAL B 459 7.99 -6.72 -14.39
N LEU B 460 7.40 -5.76 -15.10
CA LEU B 460 6.64 -6.08 -16.31
C LEU B 460 7.38 -5.64 -17.56
N ARG B 461 7.42 -6.55 -18.53
CA ARG B 461 7.93 -6.20 -19.84
C ARG B 461 6.92 -6.61 -20.89
N LYS B 462 6.84 -5.83 -21.95
CA LYS B 462 6.18 -6.29 -23.15
C LYS B 462 6.94 -5.81 -24.39
N ASP B 463 7.00 -6.68 -25.39
CA ASP B 463 7.62 -6.35 -26.67
C ASP B 463 9.05 -5.84 -26.52
N GLY B 464 9.79 -6.49 -25.62
CA GLY B 464 11.20 -6.19 -25.44
C GLY B 464 11.49 -4.97 -24.60
N ARG B 465 10.45 -4.39 -24.00
CA ARG B 465 10.66 -3.18 -23.19
C ARG B 465 10.17 -3.32 -21.75
N THR B 466 10.89 -2.68 -20.84
CA THR B 466 10.49 -2.62 -19.45
C THR B 466 9.46 -1.50 -19.28
N ILE B 467 8.21 -1.89 -19.11
CA ILE B 467 7.10 -0.93 -19.07
C ILE B 467 6.64 -0.55 -17.68
N ALA B 468 6.93 -1.38 -16.68
CA ALA B 468 6.40 -1.10 -15.34
C ALA B 468 7.03 -1.93 -14.24
N ALA B 469 6.89 -1.45 -13.01
CA ALA B 469 7.33 -2.20 -11.84
C ALA B 469 6.17 -2.23 -10.86
N GLY B 470 6.01 -3.35 -10.17
CA GLY B 470 4.92 -3.48 -9.23
C GLY B 470 5.28 -4.15 -7.92
N LYS B 471 4.41 -3.93 -6.94
CA LYS B 471 4.47 -4.66 -5.68
C LYS B 471 3.20 -5.46 -5.64
N ILE B 472 3.30 -6.71 -5.23
CA ILE B 472 2.13 -7.54 -5.07
C ILE B 472 1.39 -7.11 -3.79
N SER B 473 0.16 -6.62 -3.95
CA SER B 473 -0.60 -6.08 -2.84
C SER B 473 -1.56 -7.11 -2.26
N GLU B 474 -2.06 -7.99 -3.10
CA GLU B 474 -3.09 -8.91 -2.68
C GLU B 474 -3.18 -10.09 -3.63
N ILE B 475 -3.36 -11.28 -3.08
CA ILE B 475 -3.59 -12.45 -3.90
C ILE B 475 -5.09 -12.70 -3.99
N THR B 476 -5.62 -12.58 -5.20
CA THR B 476 -7.01 -12.93 -5.47
C THR B 476 -7.08 -14.45 -5.61
N GLN B 477 -6.45 -15.14 -4.65
CA GLN B 477 -6.25 -16.59 -4.70
C GLN B 477 -7.30 -17.39 -5.47
#